data_3UES
#
_entry.id   3UES
#
_cell.length_a   63.981
_cell.length_b   120.597
_cell.length_c   142.469
_cell.angle_alpha   90.00
_cell.angle_beta   90.00
_cell.angle_gamma   90.00
#
_symmetry.space_group_name_H-M   'P 21 21 21'
#
loop_
_entity.id
_entity.type
_entity.pdbx_description
1 polymer Alpha-1,3/4-fucosidase
2 non-polymer (2S,3R,4S,5R)-2-METHYLPIPERIDINE-3,4,5-TRIOL
3 non-polymer 1,2-ETHANEDIOL
4 non-polymer 'SODIUM ION'
5 water water
#
_entity_poly.entity_id   1
_entity_poly.type   'polypeptide(L)'
_entity_poly.pdbx_seq_one_letter_code
;MNNPADAGINLNYLANVRPSSRQLAWQRMEMYAFLHFGMNTMTDREWGLGHEDPALFNPRNVDVDQWMDALVAGGMAGVI
LTCKHHDGFCLWPSRLTRHTVASSPWREGKGDLVREVSESARRHGLKFGVYLSPWDRTEESYGKGKAYDDFYVGQLTELL
TQYGPIFSVWLDGANGEGKNGKTQYYDWDRYYNVIRSLQPDAVISVCGPDVRWAGNEAGHVRDNEWSVVPRRLRSAELTM
EKSQQEDDASFATTVSSQDDDLGSREAVAGYGDNVCWYPAEVDTSIRPGWFYHQSEDDKVMSADQLFDLWLSAVGGNSSL
LLNIPPSPEGLLAEPDVQSLKGLGRRVSEFREALASVRCEARTSSASAAAAHLVDGNRDTFWRPDADDAAPAITLTLPQP
TTINAIVIEEAIEHGQRIEHLRVTGALPDGTERVLGQAGTVGYRRILRFDDVEVSSVTLHVDGSRLAPMISRAAAVRI
;
_entity_poly.pdbx_strand_id   A,B
#
loop_
_chem_comp.id
_chem_comp.type
_chem_comp.name
_chem_comp.formula
DFU non-polymer (2S,3R,4S,5R)-2-METHYLPIPERIDINE-3,4,5-TRIOL 'C6 H13 N O3'
EDO non-polymer 1,2-ETHANEDIOL 'C2 H6 O2'
NA non-polymer 'SODIUM ION' 'Na 1'
#
# COMPACT_ATOMS: atom_id res chain seq x y z
N ILE A 9 0.83 -1.34 -29.80
CA ILE A 9 0.80 -0.73 -28.40
C ILE A 9 -0.26 -1.53 -27.61
N ASN A 10 -0.12 -1.63 -26.28
CA ASN A 10 -1.08 -2.41 -25.54
C ASN A 10 -1.91 -1.56 -24.62
N LEU A 11 -2.99 -1.01 -25.12
CA LEU A 11 -3.81 -0.09 -24.39
C LEU A 11 -4.52 -0.82 -23.26
N ASN A 12 -4.84 -2.10 -23.41
CA ASN A 12 -5.52 -2.79 -22.26
C ASN A 12 -4.60 -2.82 -21.01
N TYR A 13 -3.29 -2.85 -21.26
CA TYR A 13 -2.35 -2.75 -20.12
C TYR A 13 -2.17 -1.30 -19.70
N LEU A 14 -1.77 -0.45 -20.67
CA LEU A 14 -1.41 0.92 -20.30
C LEU A 14 -2.54 1.68 -19.68
N ALA A 15 -3.78 1.55 -20.17
CA ALA A 15 -4.92 2.23 -19.63
C ALA A 15 -5.46 1.79 -18.26
N ASN A 16 -4.80 0.73 -17.80
CA ASN A 16 -5.18 0.10 -16.52
C ASN A 16 -4.10 0.08 -15.47
N VAL A 17 -2.97 0.77 -15.81
CA VAL A 17 -1.88 0.97 -14.80
C VAL A 17 -2.40 2.01 -13.77
N ARG A 18 -2.33 1.68 -12.46
CA ARG A 18 -3.01 2.47 -11.47
C ARG A 18 -2.02 2.81 -10.32
N PRO A 19 -2.34 3.89 -9.58
CA PRO A 19 -1.53 4.22 -8.37
C PRO A 19 -1.80 3.19 -7.27
N SER A 20 -0.79 2.99 -6.44
CA SER A 20 -1.05 2.29 -5.21
C SER A 20 -1.83 3.19 -4.20
N SER A 21 -2.30 2.59 -3.12
CA SER A 21 -3.02 3.44 -2.12
C SER A 21 -2.15 4.58 -1.58
N ARG A 22 -0.89 4.24 -1.39
CA ARG A 22 -0.02 5.34 -0.85
C ARG A 22 0.21 6.45 -1.85
N GLN A 23 0.33 6.06 -3.12
CA GLN A 23 0.50 7.04 -4.18
C GLN A 23 -0.78 7.87 -4.33
N LEU A 24 -1.95 7.27 -4.16
CA LEU A 24 -3.20 8.05 -4.29
C LEU A 24 -3.33 9.00 -3.17
N ALA A 25 -3.00 8.54 -1.97
CA ALA A 25 -3.08 9.45 -0.82
C ALA A 25 -2.11 10.59 -0.94
N TRP A 26 -0.91 10.31 -1.45
CA TRP A 26 0.09 11.40 -1.61
C TRP A 26 -0.45 12.36 -2.67
N GLN A 27 -1.04 11.83 -3.75
CA GLN A 27 -1.49 12.77 -4.79
C GLN A 27 -2.55 13.72 -4.28
N ARG A 28 -3.31 13.27 -3.34
CA ARG A 28 -4.40 14.11 -2.80
C ARG A 28 -3.87 15.19 -1.84
N MET A 29 -2.62 15.12 -1.46
CA MET A 29 -2.05 16.25 -0.71
C MET A 29 -1.87 17.50 -1.57
N GLU A 30 -1.45 17.34 -2.85
CA GLU A 30 -1.35 18.42 -3.88
C GLU A 30 -0.15 19.38 -3.70
N MET A 31 0.01 19.98 -2.51
CA MET A 31 1.14 20.86 -2.24
C MET A 31 1.49 20.75 -0.79
N TYR A 32 2.77 20.73 -0.62
CA TYR A 32 3.36 20.68 0.74
C TYR A 32 4.73 21.34 0.70
N ALA A 33 5.31 21.53 1.92
CA ALA A 33 6.48 22.40 1.98
C ALA A 33 7.78 21.66 2.20
N PHE A 34 8.88 22.26 1.74
CA PHE A 34 10.26 21.84 2.08
C PHE A 34 10.77 22.88 3.07
N LEU A 35 11.56 22.39 4.02
CA LEU A 35 12.32 23.31 4.91
C LEU A 35 13.76 22.90 4.82
N HIS A 36 14.52 23.70 4.06
CA HIS A 36 15.97 23.52 4.08
C HIS A 36 16.54 24.36 5.24
N PHE A 37 17.08 23.69 6.27
CA PHE A 37 17.62 24.37 7.45
C PHE A 37 18.73 23.50 7.93
N GLY A 38 19.82 24.13 8.45
CA GLY A 38 20.82 23.35 9.17
C GLY A 38 22.14 24.12 9.20
N MET A 39 23.22 23.40 9.00
CA MET A 39 24.54 24.10 9.00
C MET A 39 24.64 25.16 7.98
N ASN A 40 24.14 24.92 6.76
CA ASN A 40 24.26 25.90 5.70
C ASN A 40 23.54 27.21 6.01
N THR A 41 22.50 27.16 6.88
CA THR A 41 21.79 28.38 7.31
C THR A 41 22.81 29.29 8.04
N MET A 42 23.63 28.64 8.84
CA MET A 42 24.60 29.35 9.70
C MET A 42 25.84 29.78 8.91
N THR A 43 26.24 29.04 7.88
CA THR A 43 27.40 29.37 7.06
C THR A 43 27.10 30.16 5.78
N ASP A 44 25.81 30.42 5.52
CA ASP A 44 25.28 31.15 4.38
C ASP A 44 25.72 30.51 3.05
N ARG A 45 25.50 29.17 2.94
CA ARG A 45 25.93 28.44 1.78
C ARG A 45 24.74 27.61 1.26
N GLU A 46 24.88 27.29 -0.02
CA GLU A 46 23.89 26.36 -0.62
C GLU A 46 24.31 24.96 -0.44
N TRP A 47 25.59 24.61 -0.71
CA TRP A 47 26.06 23.25 -0.32
C TRP A 47 27.23 23.50 0.62
N GLY A 48 27.19 22.78 1.73
CA GLY A 48 28.29 22.88 2.72
C GLY A 48 29.45 22.06 2.20
N LEU A 49 30.68 22.40 2.65
CA LEU A 49 31.82 21.61 2.26
C LEU A 49 31.98 20.34 3.10
N GLY A 50 31.25 20.17 4.22
CA GLY A 50 31.54 19.04 5.04
C GLY A 50 32.52 19.41 6.17
N HIS A 51 32.47 18.68 7.27
CA HIS A 51 33.44 18.78 8.42
C HIS A 51 33.37 20.17 9.02
N GLU A 52 32.23 20.91 8.83
CA GLU A 52 32.03 22.12 9.59
C GLU A 52 32.07 21.90 11.08
N ASP A 53 32.64 22.83 11.84
CA ASP A 53 32.56 22.69 13.30
C ASP A 53 31.14 22.82 13.84
N PRO A 54 30.68 21.81 14.60
CA PRO A 54 29.28 21.92 15.11
C PRO A 54 29.09 23.19 15.99
N ALA A 55 30.19 23.75 16.56
CA ALA A 55 29.97 25.01 17.25
C ALA A 55 29.36 26.10 16.41
N LEU A 56 29.45 26.06 15.04
CA LEU A 56 28.83 27.07 14.22
C LEU A 56 27.29 26.97 14.21
N PHE A 57 26.76 25.78 14.57
CA PHE A 57 25.28 25.65 14.65
C PHE A 57 24.67 26.24 15.89
N ASN A 58 24.44 27.54 15.81
CA ASN A 58 23.91 28.30 16.96
C ASN A 58 22.81 29.26 16.63
N PRO A 59 21.78 28.79 15.89
CA PRO A 59 20.70 29.70 15.58
C PRO A 59 20.02 30.23 16.85
N ARG A 60 19.59 31.49 16.73
CA ARG A 60 18.96 32.13 17.90
C ARG A 60 17.41 32.00 17.68
N ASN A 61 16.69 31.74 18.75
CA ASN A 61 15.24 31.95 18.79
C ASN A 61 14.55 31.02 17.74
N VAL A 62 15.05 29.79 17.56
CA VAL A 62 14.29 28.84 16.65
C VAL A 62 12.90 28.62 17.22
N ASP A 63 11.93 28.94 16.37
CA ASP A 63 10.57 28.86 16.82
C ASP A 63 9.81 28.16 15.69
N VAL A 64 9.76 26.80 15.87
CA VAL A 64 9.11 26.02 14.76
C VAL A 64 7.64 26.27 14.72
N ASP A 65 6.99 26.76 15.82
CA ASP A 65 5.59 27.03 15.67
C ASP A 65 5.37 28.22 14.75
N GLN A 66 6.26 29.24 14.73
CA GLN A 66 6.13 30.35 13.82
C GLN A 66 6.16 29.81 12.34
N TRP A 67 7.08 28.88 12.15
CA TRP A 67 7.19 28.25 10.72
C TRP A 67 5.92 27.52 10.45
N MET A 68 5.37 26.70 11.38
CA MET A 68 4.20 25.91 11.00
C MET A 68 2.94 26.75 10.89
N ASP A 69 2.82 27.82 11.72
CA ASP A 69 1.69 28.75 11.47
C ASP A 69 1.71 29.34 10.05
N ALA A 70 2.90 29.69 9.53
CA ALA A 70 2.99 30.30 8.26
C ALA A 70 2.68 29.26 7.19
N LEU A 71 3.13 27.99 7.40
CA LEU A 71 2.80 26.96 6.41
C LEU A 71 1.30 26.64 6.38
N VAL A 72 0.61 26.66 7.54
CA VAL A 72 -0.84 26.45 7.58
C VAL A 72 -1.54 27.61 6.81
N ALA A 73 -1.04 28.83 6.98
CA ALA A 73 -1.67 29.98 6.29
C ALA A 73 -1.46 29.88 4.80
N GLY A 74 -0.35 29.26 4.37
CA GLY A 74 -0.10 28.93 2.94
C GLY A 74 -0.86 27.73 2.39
N GLY A 75 -1.66 27.03 3.19
CA GLY A 75 -2.46 25.90 2.71
C GLY A 75 -1.61 24.67 2.44
N MET A 76 -0.48 24.61 3.13
CA MET A 76 0.32 23.33 2.95
C MET A 76 -0.32 22.17 3.64
N ALA A 77 -0.15 20.96 3.02
CA ALA A 77 -0.64 19.75 3.59
C ALA A 77 0.34 18.99 4.51
N GLY A 78 1.59 19.38 4.35
CA GLY A 78 2.64 18.74 5.16
C GLY A 78 3.95 19.48 4.90
N VAL A 79 5.00 18.97 5.57
CA VAL A 79 6.33 19.58 5.50
C VAL A 79 7.39 18.49 5.49
N ILE A 80 8.42 18.72 4.68
CA ILE A 80 9.56 17.80 4.57
C ILE A 80 10.74 18.60 5.09
N LEU A 81 11.34 18.07 6.18
CA LEU A 81 12.57 18.77 6.80
C LEU A 81 13.84 18.13 6.25
N THR A 82 14.81 18.96 5.93
CA THR A 82 16.20 18.47 5.67
C THR A 82 16.79 18.03 7.06
N CYS A 83 16.61 16.77 7.39
CA CYS A 83 17.20 16.22 8.58
C CYS A 83 18.70 16.12 8.50
N LYS A 84 19.18 15.87 7.31
CA LYS A 84 20.67 15.90 7.04
C LYS A 84 20.79 16.28 5.58
N HIS A 85 21.51 17.38 5.29
CA HIS A 85 21.77 17.74 3.90
C HIS A 85 23.15 17.18 3.46
N HIS A 86 23.61 17.58 2.28
CA HIS A 86 24.78 16.89 1.72
C HIS A 86 26.03 17.11 2.65
N ASP A 87 26.08 18.22 3.39
CA ASP A 87 27.22 18.45 4.29
C ASP A 87 27.28 17.47 5.39
N GLY A 88 26.19 16.78 5.71
CA GLY A 88 26.27 15.69 6.71
C GLY A 88 25.92 16.07 8.17
N PHE A 89 25.67 17.35 8.45
CA PHE A 89 25.23 17.73 9.83
C PHE A 89 23.77 17.29 10.14
N CYS A 90 23.58 16.57 11.25
CA CYS A 90 22.25 16.00 11.48
C CYS A 90 21.52 16.82 12.47
N LEU A 91 20.24 17.11 12.15
CA LEU A 91 19.39 17.93 13.03
C LEU A 91 18.76 17.20 14.18
N TRP A 92 19.13 15.93 14.39
CA TRP A 92 18.69 15.17 15.55
C TRP A 92 19.93 14.51 16.14
N PRO A 93 19.92 14.13 17.43
CA PRO A 93 21.11 13.53 18.08
C PRO A 93 21.23 12.06 17.74
N SER A 94 21.66 11.78 16.49
CA SER A 94 21.88 10.38 16.05
C SER A 94 22.92 9.63 16.90
N ARG A 95 22.72 8.35 17.07
CA ARG A 95 23.73 7.58 17.77
C ARG A 95 24.81 7.14 16.81
N LEU A 96 24.67 7.47 15.55
CA LEU A 96 25.66 6.88 14.56
C LEU A 96 26.82 7.81 14.22
N THR A 97 26.73 9.06 14.72
CA THR A 97 27.74 10.06 14.47
C THR A 97 27.60 11.10 15.55
N ARG A 98 28.70 11.85 15.75
CA ARG A 98 28.66 13.04 16.58
C ARG A 98 28.55 14.33 15.83
N HIS A 99 28.44 14.21 14.46
CA HIS A 99 28.24 15.40 13.67
C HIS A 99 26.77 15.81 13.64
N THR A 100 26.27 16.22 14.81
CA THR A 100 24.82 16.49 14.98
C THR A 100 24.63 17.67 15.91
N VAL A 101 23.37 18.03 16.13
CA VAL A 101 23.00 19.07 17.11
C VAL A 101 23.57 18.70 18.53
N ALA A 102 23.85 17.45 18.86
CA ALA A 102 24.28 17.07 20.26
C ALA A 102 25.68 17.70 20.46
N SER A 103 26.40 17.99 19.37
CA SER A 103 27.78 18.51 19.51
C SER A 103 27.77 20.03 19.32
N SER A 104 26.55 20.69 19.26
CA SER A 104 26.43 22.11 18.96
C SER A 104 25.94 22.84 20.27
N PRO A 105 26.10 24.16 20.27
CA PRO A 105 25.60 24.91 21.44
C PRO A 105 24.14 25.14 21.39
N TRP A 106 23.45 24.80 20.27
CA TRP A 106 22.02 24.98 20.26
C TRP A 106 21.33 24.17 21.30
N ARG A 107 20.36 24.85 22.01
CA ARG A 107 19.61 24.08 23.03
C ARG A 107 20.51 23.42 24.08
N GLU A 108 21.67 24.06 24.25
CA GLU A 108 22.73 23.62 25.21
C GLU A 108 23.19 22.21 24.89
N GLY A 109 23.09 21.82 23.59
CA GLY A 109 23.46 20.48 23.13
C GLY A 109 22.42 19.44 23.33
N LYS A 110 21.21 19.80 23.92
CA LYS A 110 20.22 18.84 24.33
C LYS A 110 19.01 18.92 23.39
N GLY A 111 19.23 19.52 22.23
CA GLY A 111 18.06 19.79 21.30
C GLY A 111 17.86 18.65 20.26
N ASP A 112 16.65 18.64 19.69
CA ASP A 112 16.33 17.69 18.62
C ASP A 112 15.37 18.45 17.71
N LEU A 113 15.89 19.03 16.66
CA LEU A 113 15.03 19.86 15.74
C LEU A 113 14.10 18.96 14.91
N VAL A 114 14.48 17.68 14.68
CA VAL A 114 13.52 16.79 14.07
C VAL A 114 12.32 16.56 14.98
N ARG A 115 12.56 16.44 16.33
CA ARG A 115 11.45 16.29 17.24
C ARG A 115 10.62 17.55 17.22
N GLU A 116 11.25 18.71 17.36
CA GLU A 116 10.50 19.98 17.43
C GLU A 116 9.59 20.20 16.20
N VAL A 117 10.15 19.93 14.99
CA VAL A 117 9.36 20.10 13.75
C VAL A 117 8.25 19.09 13.65
N SER A 118 8.56 17.82 13.87
CA SER A 118 7.53 16.78 13.84
C SER A 118 6.40 16.97 14.85
N GLU A 119 6.74 17.40 16.08
CA GLU A 119 5.65 17.56 17.02
C GLU A 119 4.84 18.81 16.66
N SER A 120 5.46 19.89 16.21
CA SER A 120 4.74 21.08 15.85
C SER A 120 3.91 20.92 14.58
N ALA A 121 4.45 20.07 13.70
CA ALA A 121 3.59 19.77 12.49
C ALA A 121 2.35 19.01 12.95
N ARG A 122 2.43 18.01 13.82
CA ARG A 122 1.26 17.29 14.26
C ARG A 122 0.24 18.25 14.94
N ARG A 123 0.78 19.14 15.81
CA ARG A 123 -0.17 20.10 16.48
C ARG A 123 -0.87 20.97 15.44
N HIS A 124 -0.22 21.26 14.31
CA HIS A 124 -0.79 22.13 13.26
C HIS A 124 -1.56 21.37 12.19
N GLY A 125 -1.74 20.06 12.33
CA GLY A 125 -2.46 19.24 11.34
C GLY A 125 -1.69 19.06 10.05
N LEU A 126 -0.38 19.20 10.12
CA LEU A 126 0.47 19.03 8.88
C LEU A 126 1.18 17.68 8.92
N LYS A 127 1.14 16.92 7.84
CA LYS A 127 1.94 15.69 7.80
C LYS A 127 3.44 16.06 7.78
N PHE A 128 4.24 15.06 8.18
CA PHE A 128 5.68 15.27 8.29
C PHE A 128 6.45 14.27 7.46
N GLY A 129 7.51 14.78 6.75
CA GLY A 129 8.39 13.94 5.88
C GLY A 129 9.79 14.23 6.19
N VAL A 130 10.64 13.32 5.72
CA VAL A 130 12.06 13.50 6.05
C VAL A 130 12.95 13.45 4.82
N TYR A 131 13.87 14.38 4.71
CA TYR A 131 14.91 14.39 3.72
C TYR A 131 16.20 13.94 4.39
N LEU A 132 16.86 12.92 3.85
CA LEU A 132 18.12 12.39 4.53
C LEU A 132 19.08 12.19 3.30
N SER A 133 20.02 13.15 3.12
CA SER A 133 20.84 13.09 1.90
C SER A 133 21.67 11.85 1.76
N PRO A 134 21.53 11.12 0.64
CA PRO A 134 22.44 9.97 0.38
C PRO A 134 23.86 10.51 0.32
N TRP A 135 24.15 11.57 -0.47
CA TRP A 135 25.55 12.11 -0.49
C TRP A 135 25.87 12.67 0.87
N ASP A 136 27.05 12.34 1.42
CA ASP A 136 27.44 12.86 2.72
C ASP A 136 28.95 13.28 2.67
N ARG A 137 29.18 14.58 2.86
CA ARG A 137 30.52 15.13 2.74
C ARG A 137 31.31 15.04 4.10
N THR A 138 30.66 14.60 5.18
CA THR A 138 31.38 14.49 6.49
C THR A 138 31.57 13.07 6.89
N GLU A 139 30.49 12.25 6.87
CA GLU A 139 30.54 10.93 7.42
C GLU A 139 31.68 10.07 6.86
N GLU A 140 32.50 9.55 7.80
CA GLU A 140 33.70 8.81 7.39
C GLU A 140 33.45 7.64 6.51
N SER A 141 32.31 6.88 6.70
CA SER A 141 32.06 5.68 5.88
C SER A 141 31.58 5.97 4.47
N TYR A 142 31.26 7.28 4.21
CA TYR A 142 30.82 7.58 2.85
C TYR A 142 31.93 7.20 1.84
N GLY A 143 31.54 6.45 0.86
CA GLY A 143 32.53 5.98 -0.19
C GLY A 143 33.11 4.61 0.06
N LYS A 144 32.85 4.04 1.25
CA LYS A 144 33.37 2.69 1.55
C LYS A 144 32.49 1.53 1.08
N GLY A 145 31.21 1.83 0.73
CA GLY A 145 30.31 0.82 0.23
C GLY A 145 29.37 0.37 1.35
N LYS A 146 29.50 -0.89 1.78
CA LYS A 146 28.52 -1.40 2.76
C LYS A 146 28.61 -0.65 4.12
N ALA A 147 29.82 -0.19 4.55
CA ALA A 147 29.81 0.52 5.80
C ALA A 147 28.94 1.80 5.75
N TYR A 148 28.92 2.48 4.61
CA TYR A 148 28.00 3.64 4.54
C TYR A 148 26.54 3.14 4.45
N ASP A 149 26.28 2.01 3.74
CA ASP A 149 24.87 1.52 3.78
C ASP A 149 24.50 1.23 5.22
N ASP A 150 25.41 0.69 6.09
CA ASP A 150 25.01 0.45 7.48
C ASP A 150 24.72 1.73 8.22
N PHE A 151 25.56 2.79 8.05
CA PHE A 151 25.29 4.07 8.67
C PHE A 151 23.92 4.64 8.22
N TYR A 152 23.71 4.61 6.89
CA TYR A 152 22.53 5.22 6.31
C TYR A 152 21.26 4.48 6.85
N VAL A 153 21.28 3.15 6.77
CA VAL A 153 20.12 2.42 7.37
C VAL A 153 19.95 2.67 8.83
N GLY A 154 21.08 2.83 9.58
CA GLY A 154 20.93 3.19 11.03
C GLY A 154 20.16 4.48 11.21
N GLN A 155 20.55 5.48 10.40
CA GLN A 155 19.88 6.78 10.48
C GLN A 155 18.45 6.75 9.94
N LEU A 156 18.16 6.00 8.86
CA LEU A 156 16.75 5.83 8.51
C LEU A 156 15.99 5.26 9.70
N THR A 157 16.57 4.24 10.39
CA THR A 157 15.84 3.53 11.46
C THR A 157 15.53 4.50 12.56
N GLU A 158 16.47 5.37 12.89
CA GLU A 158 16.19 6.42 13.92
C GLU A 158 15.02 7.32 13.47
N LEU A 159 15.12 7.85 12.26
CA LEU A 159 14.15 8.84 11.84
C LEU A 159 12.75 8.22 11.66
N LEU A 160 12.70 6.96 11.31
CA LEU A 160 11.40 6.30 10.91
C LEU A 160 10.77 5.59 12.11
N THR A 161 11.46 5.62 13.26
CA THR A 161 10.84 4.97 14.48
C THR A 161 10.68 5.89 15.62
N GLN A 162 11.22 7.10 15.55
CA GLN A 162 11.23 7.97 16.80
C GLN A 162 10.32 9.15 16.71
N TYR A 163 9.75 9.46 15.52
CA TYR A 163 9.12 10.71 15.26
C TYR A 163 7.68 10.64 14.74
N GLY A 164 7.06 9.50 14.92
CA GLY A 164 5.62 9.39 14.44
C GLY A 164 5.55 9.13 12.95
N PRO A 165 4.40 9.14 12.43
CA PRO A 165 4.21 8.75 11.03
C PRO A 165 4.89 9.68 10.05
N ILE A 166 5.48 9.09 9.01
CA ILE A 166 6.27 9.84 8.08
C ILE A 166 5.56 9.70 6.71
N PHE A 167 5.21 10.82 6.06
CA PHE A 167 4.47 10.68 4.78
C PHE A 167 5.37 10.52 3.55
N SER A 168 6.62 10.95 3.63
CA SER A 168 7.49 10.96 2.46
C SER A 168 8.91 10.76 2.99
N VAL A 169 9.66 9.90 2.32
CA VAL A 169 11.12 9.85 2.57
C VAL A 169 11.76 10.30 1.29
N TRP A 170 12.49 11.42 1.34
CA TRP A 170 12.90 12.14 0.14
C TRP A 170 14.39 11.86 -0.03
N LEU A 171 14.76 11.15 -1.09
CA LEU A 171 16.14 10.59 -1.28
C LEU A 171 16.69 11.33 -2.49
N ASP A 172 17.48 12.37 -2.20
CA ASP A 172 18.04 13.24 -3.26
C ASP A 172 19.11 12.53 -4.04
N GLY A 173 19.04 12.64 -5.38
CA GLY A 173 20.10 11.99 -6.18
C GLY A 173 21.30 12.94 -6.43
N ALA A 174 21.27 14.19 -5.97
CA ALA A 174 22.37 15.17 -6.24
C ALA A 174 23.64 14.63 -5.63
N ASN A 175 24.74 14.70 -6.46
CA ASN A 175 26.04 14.28 -5.91
C ASN A 175 27.18 15.07 -6.59
N GLY A 176 27.98 15.73 -5.79
CA GLY A 176 29.02 16.59 -6.30
C GLY A 176 30.40 16.01 -6.17
N GLU A 177 30.56 14.68 -5.95
CA GLU A 177 31.91 14.07 -5.83
C GLU A 177 32.71 14.29 -7.11
N GLY A 178 32.09 14.10 -8.27
CA GLY A 178 32.87 14.27 -9.53
C GLY A 178 33.86 13.12 -9.74
N LYS A 179 34.54 13.22 -10.88
CA LYS A 179 35.43 12.18 -11.39
C LYS A 179 36.54 11.64 -10.44
N ASN A 180 37.19 12.47 -9.63
CA ASN A 180 38.21 11.98 -8.68
C ASN A 180 37.85 12.09 -7.16
N GLY A 181 36.56 11.99 -6.84
CA GLY A 181 36.13 12.02 -5.42
C GLY A 181 35.84 10.61 -5.04
N LYS A 182 34.87 10.42 -4.15
CA LYS A 182 34.62 9.15 -3.57
C LYS A 182 33.49 8.47 -4.39
N THR A 183 33.52 7.17 -4.39
CA THR A 183 32.51 6.39 -5.13
C THR A 183 31.66 5.62 -4.14
N GLN A 184 30.36 5.83 -4.12
CA GLN A 184 29.49 5.10 -3.18
C GLN A 184 28.33 4.49 -4.05
N TYR A 185 28.27 3.19 -4.10
CA TYR A 185 27.15 2.56 -4.85
C TYR A 185 26.20 2.23 -3.70
N TYR A 186 25.11 2.99 -3.59
CA TYR A 186 24.20 2.72 -2.52
C TYR A 186 23.38 1.46 -2.71
N ASP A 187 23.15 0.82 -1.60
CA ASP A 187 22.25 -0.35 -1.61
C ASP A 187 20.76 0.08 -1.54
N TRP A 188 20.34 0.66 -2.65
CA TRP A 188 18.92 1.22 -2.66
C TRP A 188 17.88 0.22 -2.26
N ASP A 189 18.04 -1.02 -2.73
CA ASP A 189 17.05 -2.03 -2.36
C ASP A 189 16.97 -2.29 -0.91
N ARG A 190 18.16 -2.31 -0.25
CA ARG A 190 18.10 -2.44 1.20
C ARG A 190 17.43 -1.24 1.89
N TYR A 191 17.75 -0.04 1.41
CA TYR A 191 17.11 1.14 1.97
C TYR A 191 15.57 1.07 1.81
N TYR A 192 15.10 0.56 0.68
CA TYR A 192 13.65 0.56 0.47
C TYR A 192 13.00 -0.49 1.39
N ASN A 193 13.70 -1.63 1.65
CA ASN A 193 13.12 -2.56 2.64
C ASN A 193 12.97 -1.93 4.04
N VAL A 194 13.92 -1.05 4.39
CA VAL A 194 13.92 -0.42 5.71
C VAL A 194 12.66 0.53 5.73
N ILE A 195 12.55 1.37 4.66
CA ILE A 195 11.46 2.36 4.67
C ILE A 195 10.07 1.62 4.54
N ARG A 196 9.99 0.59 3.71
CA ARG A 196 8.68 -0.11 3.60
C ARG A 196 8.32 -0.80 4.93
N SER A 197 9.34 -1.34 5.60
CA SER A 197 9.05 -2.09 6.85
C SER A 197 8.72 -1.14 8.00
N LEU A 198 9.37 0.03 8.12
CA LEU A 198 9.09 0.91 9.28
C LEU A 198 8.05 1.88 9.05
N GLN A 199 7.90 2.36 7.78
CA GLN A 199 6.85 3.39 7.47
C GLN A 199 6.15 2.98 6.15
N PRO A 200 5.40 1.87 6.17
CA PRO A 200 4.84 1.39 4.95
C PRO A 200 4.00 2.36 4.18
N ASP A 201 3.38 3.34 4.85
CA ASP A 201 2.55 4.28 4.11
C ASP A 201 3.38 5.39 3.50
N ALA A 202 4.70 5.55 3.85
CA ALA A 202 5.45 6.64 3.26
C ALA A 202 5.71 6.49 1.78
N VAL A 203 5.69 7.61 1.06
CA VAL A 203 6.17 7.50 -0.33
C VAL A 203 7.70 7.69 -0.43
N ILE A 204 8.43 6.80 -1.05
CA ILE A 204 9.87 6.92 -1.24
C ILE A 204 10.09 7.71 -2.55
N SER A 205 10.68 8.90 -2.38
CA SER A 205 10.68 9.87 -3.51
C SER A 205 12.05 10.16 -4.03
N VAL A 206 12.03 10.45 -5.34
CA VAL A 206 13.23 10.85 -6.15
C VAL A 206 14.06 9.64 -6.46
N CYS A 207 14.98 9.27 -5.57
CA CYS A 207 15.71 8.00 -5.73
C CYS A 207 14.90 6.84 -5.09
N GLY A 208 13.65 6.71 -5.54
CA GLY A 208 12.75 5.75 -4.92
C GLY A 208 11.63 5.49 -5.94
N PRO A 209 10.84 4.48 -5.63
CA PRO A 209 9.85 4.05 -6.63
C PRO A 209 8.54 4.71 -6.62
N ASP A 210 8.23 5.54 -5.59
CA ASP A 210 6.80 5.96 -5.44
C ASP A 210 6.60 7.31 -6.09
N VAL A 211 7.54 8.24 -5.98
CA VAL A 211 7.30 9.62 -6.51
C VAL A 211 8.53 9.98 -7.33
N ARG A 212 8.27 10.57 -8.50
CA ARG A 212 9.29 10.83 -9.48
C ARG A 212 9.68 12.33 -9.46
N TRP A 213 11.00 12.61 -9.37
CA TRP A 213 11.46 14.01 -9.52
C TRP A 213 11.08 14.47 -10.95
N ALA A 214 10.37 15.61 -11.06
CA ALA A 214 9.88 16.11 -12.36
C ALA A 214 10.99 16.39 -13.31
N GLY A 215 12.21 16.67 -12.79
CA GLY A 215 13.36 16.73 -13.77
C GLY A 215 13.87 18.15 -13.91
N ASN A 216 13.36 19.13 -13.12
CA ASN A 216 14.01 20.43 -12.93
C ASN A 216 13.68 20.97 -11.60
N GLU A 217 14.40 22.05 -11.22
CA GLU A 217 14.17 22.60 -9.93
C GLU A 217 13.79 24.05 -10.05
N ALA A 218 13.22 24.40 -11.20
CA ALA A 218 12.77 25.78 -11.46
C ALA A 218 11.28 26.00 -11.35
N GLY A 219 10.51 24.94 -11.14
CA GLY A 219 9.06 25.16 -11.08
C GLY A 219 8.48 24.93 -12.50
N HIS A 220 9.25 24.42 -13.47
CA HIS A 220 8.69 24.14 -14.80
C HIS A 220 7.78 22.92 -14.77
N VAL A 221 6.63 23.05 -15.41
CA VAL A 221 5.62 21.97 -15.56
C VAL A 221 5.53 21.54 -17.04
N ARG A 222 5.54 20.23 -17.30
CA ARG A 222 5.47 19.74 -18.67
C ARG A 222 4.11 20.09 -19.28
N ASP A 223 4.13 20.31 -20.56
CA ASP A 223 2.83 20.39 -21.25
C ASP A 223 1.99 19.13 -21.05
N ASN A 224 2.65 17.95 -21.16
CA ASN A 224 1.89 16.66 -20.99
C ASN A 224 2.66 15.96 -19.85
N GLU A 225 1.94 15.65 -18.76
CA GLU A 225 2.61 14.90 -17.71
C GLU A 225 1.93 13.53 -17.52
N TRP A 226 2.63 12.45 -17.90
CA TRP A 226 2.09 11.08 -17.74
C TRP A 226 2.61 10.54 -16.41
N SER A 227 1.65 10.04 -15.64
CA SER A 227 2.03 9.22 -14.45
C SER A 227 2.34 7.80 -14.81
N VAL A 228 1.99 7.40 -16.06
CA VAL A 228 2.31 6.04 -16.48
C VAL A 228 3.52 6.13 -17.38
N VAL A 229 4.67 5.65 -16.91
CA VAL A 229 5.97 5.81 -17.61
C VAL A 229 6.80 4.58 -17.56
N PRO A 230 7.81 4.49 -18.40
CA PRO A 230 8.68 3.29 -18.36
C PRO A 230 9.24 3.07 -16.94
N ARG A 231 9.18 1.79 -16.52
CA ARG A 231 9.69 1.48 -15.14
C ARG A 231 11.14 1.85 -14.92
N ARG A 232 11.96 1.92 -15.97
CA ARG A 232 13.38 2.25 -15.83
C ARG A 232 13.51 3.67 -15.21
N LEU A 233 12.47 4.55 -15.33
CA LEU A 233 12.59 5.88 -14.74
C LEU A 233 12.78 5.83 -13.24
N ARG A 234 12.31 4.76 -12.57
CA ARG A 234 12.56 4.69 -11.13
C ARG A 234 14.03 4.53 -10.78
N SER A 235 14.90 4.18 -11.76
CA SER A 235 16.30 4.06 -11.48
C SER A 235 17.11 5.22 -12.06
N ALA A 236 16.39 6.22 -12.61
CA ALA A 236 17.14 7.28 -13.33
C ALA A 236 18.06 8.17 -12.49
N GLU A 237 17.77 8.41 -11.24
CA GLU A 237 18.67 9.27 -10.38
C GLU A 237 19.58 8.41 -9.46
N LEU A 238 19.56 7.09 -9.65
CA LEU A 238 20.23 6.13 -8.71
C LEU A 238 21.73 5.97 -8.89
N THR A 239 22.26 6.42 -10.04
CA THR A 239 23.76 6.41 -10.19
C THR A 239 24.24 7.69 -10.92
N THR A 253 19.23 4.29 -26.06
CA THR A 253 19.51 5.76 -25.85
C THR A 253 18.97 6.07 -24.43
N THR A 254 19.70 6.84 -23.63
CA THR A 254 19.29 7.01 -22.24
C THR A 254 17.96 7.72 -22.16
N VAL A 255 17.16 7.25 -21.25
CA VAL A 255 15.91 7.89 -20.87
C VAL A 255 16.20 8.60 -19.56
N SER A 256 15.89 9.91 -19.46
CA SER A 256 16.31 10.74 -18.34
C SER A 256 15.08 11.40 -17.75
N SER A 257 15.13 11.70 -16.44
CA SER A 257 14.02 12.40 -15.76
C SER A 257 13.76 13.76 -16.37
N GLN A 258 14.77 14.33 -17.02
CA GLN A 258 14.69 15.62 -17.69
C GLN A 258 13.98 15.59 -19.05
N ASP A 259 13.69 14.45 -19.60
CA ASP A 259 13.12 14.37 -21.00
C ASP A 259 11.71 15.02 -20.95
N ASP A 260 11.36 15.83 -21.97
CA ASP A 260 10.03 16.42 -22.01
C ASP A 260 8.97 15.33 -22.24
N ASP A 261 9.27 14.36 -23.14
CA ASP A 261 8.32 13.26 -23.38
C ASP A 261 8.82 11.95 -22.72
N LEU A 262 8.15 11.54 -21.63
CA LEU A 262 8.50 10.28 -20.98
C LEU A 262 7.40 9.25 -21.32
N GLY A 263 6.14 9.62 -21.49
CA GLY A 263 5.09 8.62 -21.55
C GLY A 263 4.10 8.67 -22.73
N SER A 264 4.48 9.37 -23.82
CA SER A 264 3.55 9.26 -24.97
C SER A 264 3.45 7.81 -25.47
N ARG A 265 2.43 7.54 -26.31
CA ARG A 265 2.39 6.17 -26.89
C ARG A 265 3.67 5.91 -27.64
N GLU A 266 4.20 6.91 -28.36
CA GLU A 266 5.44 6.71 -29.11
C GLU A 266 6.60 6.36 -28.20
N ALA A 267 6.70 7.05 -27.03
CA ALA A 267 7.82 6.73 -26.08
C ALA A 267 7.65 5.40 -25.35
N VAL A 268 6.41 4.98 -25.10
CA VAL A 268 6.25 3.78 -24.23
C VAL A 268 5.89 2.50 -24.96
N ALA A 269 5.54 2.57 -26.23
CA ALA A 269 4.94 1.35 -26.80
C ALA A 269 5.85 0.18 -26.75
N GLY A 270 7.17 0.42 -27.02
CA GLY A 270 8.20 -0.62 -27.04
C GLY A 270 8.38 -1.36 -25.68
N TYR A 271 7.97 -0.72 -24.63
CA TYR A 271 8.25 -1.26 -23.27
C TYR A 271 7.19 -2.28 -22.85
N GLY A 272 6.10 -2.42 -23.59
CA GLY A 272 4.98 -3.32 -23.17
C GLY A 272 4.57 -3.15 -21.73
N ASP A 273 4.64 -4.26 -20.96
CA ASP A 273 4.24 -4.14 -19.54
C ASP A 273 5.34 -3.56 -18.65
N ASN A 274 6.57 -3.21 -19.17
CA ASN A 274 7.67 -2.67 -18.38
C ASN A 274 7.48 -1.13 -18.17
N VAL A 275 6.27 -0.83 -17.66
CA VAL A 275 5.82 0.53 -17.38
C VAL A 275 5.21 0.49 -15.98
N CYS A 276 4.97 1.62 -15.38
CA CYS A 276 4.48 1.61 -13.98
C CYS A 276 3.89 2.95 -13.70
N TRP A 277 3.29 3.10 -12.52
CA TRP A 277 2.73 4.41 -12.08
C TRP A 277 3.85 5.06 -11.25
N TYR A 278 4.25 6.23 -11.69
CA TYR A 278 5.40 6.93 -11.09
C TYR A 278 5.17 8.42 -11.37
N PRO A 279 4.39 9.09 -10.51
CA PRO A 279 3.87 10.43 -10.79
C PRO A 279 4.89 11.53 -10.38
N ALA A 280 4.75 12.69 -11.08
CA ALA A 280 5.75 13.73 -10.93
C ALA A 280 5.53 14.65 -9.76
N GLU A 281 6.66 15.05 -9.18
CA GLU A 281 6.69 16.11 -8.11
C GLU A 281 7.62 17.22 -8.63
N VAL A 282 7.02 18.42 -8.68
CA VAL A 282 7.78 19.61 -9.04
C VAL A 282 8.29 20.31 -7.78
N ASP A 283 9.58 20.28 -7.58
CA ASP A 283 10.15 20.88 -6.34
C ASP A 283 10.89 22.21 -6.71
N THR A 284 10.64 23.23 -5.86
CA THR A 284 11.36 24.47 -6.19
C THR A 284 11.32 25.28 -4.96
N SER A 285 12.11 26.37 -4.97
CA SER A 285 12.22 27.25 -3.77
C SER A 285 11.59 28.63 -4.02
N ILE A 286 11.12 29.16 -2.90
CA ILE A 286 10.48 30.54 -2.83
C ILE A 286 11.56 31.56 -3.11
N ARG A 287 12.83 31.19 -2.97
CA ARG A 287 14.01 32.04 -3.23
C ARG A 287 14.90 31.39 -4.28
N PRO A 288 15.85 32.13 -4.82
CA PRO A 288 16.82 31.54 -5.76
C PRO A 288 17.60 30.36 -5.14
N GLY A 289 17.94 30.52 -3.88
CA GLY A 289 18.58 29.37 -3.12
C GLY A 289 17.54 28.55 -2.33
N TRP A 290 17.99 27.36 -1.97
CA TRP A 290 17.24 26.52 -1.04
C TRP A 290 17.42 26.89 0.38
N PHE A 291 18.64 27.32 0.77
CA PHE A 291 18.81 27.73 2.18
C PHE A 291 18.62 29.26 2.27
N TYR A 292 18.46 29.74 3.51
CA TYR A 292 18.20 31.18 3.72
C TYR A 292 19.49 32.00 3.46
N HIS A 293 19.35 33.04 2.63
CA HIS A 293 20.43 34.03 2.44
C HIS A 293 19.81 35.35 2.58
N GLN A 294 20.32 36.18 3.57
CA GLN A 294 19.69 37.49 3.76
C GLN A 294 19.68 38.32 2.43
N SER A 295 20.68 38.12 1.64
CA SER A 295 20.77 38.73 0.33
C SER A 295 19.65 38.45 -0.61
N GLU A 296 18.91 37.38 -0.32
CA GLU A 296 17.76 37.02 -1.19
C GLU A 296 16.43 37.46 -0.62
N ASP A 297 16.45 38.29 0.42
CA ASP A 297 15.22 38.72 1.05
C ASP A 297 14.46 39.63 0.09
N ASP A 298 15.12 40.12 -0.96
CA ASP A 298 14.44 40.96 -1.94
C ASP A 298 14.18 40.17 -3.20
N LYS A 299 14.29 38.82 -3.07
CA LYS A 299 14.12 37.88 -4.22
C LYS A 299 13.13 36.74 -3.86
N VAL A 300 12.17 37.06 -2.99
CA VAL A 300 11.14 36.12 -2.59
C VAL A 300 10.03 36.20 -3.57
N MET A 301 9.64 35.03 -4.09
CA MET A 301 8.47 35.03 -4.99
C MET A 301 7.22 35.57 -4.27
N SER A 302 6.44 36.35 -5.04
CA SER A 302 5.22 36.93 -4.53
C SER A 302 4.11 35.98 -4.41
N ALA A 303 3.08 36.37 -3.65
CA ALA A 303 1.88 35.54 -3.59
C ALA A 303 1.31 35.27 -4.98
N ASP A 304 1.31 36.26 -5.91
CA ASP A 304 0.70 36.08 -7.22
C ASP A 304 1.58 35.04 -7.99
N GLN A 305 2.93 35.15 -7.89
CA GLN A 305 3.83 34.22 -8.58
C GLN A 305 3.56 32.79 -8.01
N LEU A 306 3.47 32.66 -6.67
CA LEU A 306 3.29 31.28 -6.03
C LEU A 306 1.95 30.74 -6.52
N PHE A 307 0.89 31.59 -6.62
CA PHE A 307 -0.38 31.04 -7.03
C PHE A 307 -0.41 30.68 -8.53
N ASP A 308 0.32 31.41 -9.41
CA ASP A 308 0.45 30.97 -10.77
C ASP A 308 1.20 29.63 -10.87
N LEU A 309 2.20 29.46 -9.98
CA LEU A 309 2.93 28.16 -9.95
C LEU A 309 1.98 27.06 -9.42
N TRP A 310 1.25 27.33 -8.35
CA TRP A 310 0.28 26.31 -7.90
C TRP A 310 -0.72 25.91 -9.00
N LEU A 311 -1.36 26.96 -9.67
CA LEU A 311 -2.25 26.58 -10.78
C LEU A 311 -1.54 25.75 -11.87
N SER A 312 -0.30 26.09 -12.26
CA SER A 312 0.39 25.37 -13.27
C SER A 312 0.68 23.90 -12.85
N ALA A 313 1.12 23.71 -11.61
CA ALA A 313 1.47 22.33 -11.20
C ALA A 313 0.31 21.52 -10.73
N VAL A 314 -0.52 22.02 -9.81
CA VAL A 314 -1.70 21.28 -9.36
C VAL A 314 -2.80 21.24 -10.44
N GLY A 315 -2.64 22.14 -11.44
CA GLY A 315 -3.47 22.02 -12.67
C GLY A 315 -2.73 21.38 -13.81
N GLY A 316 -1.65 20.66 -13.52
CA GLY A 316 -0.81 20.09 -14.49
C GLY A 316 -0.31 18.64 -14.08
N ASN A 317 -1.15 17.95 -13.35
CA ASN A 317 -0.88 16.52 -12.94
C ASN A 317 0.51 16.39 -12.26
N SER A 318 0.85 17.41 -11.46
CA SER A 318 2.22 17.50 -10.79
C SER A 318 1.98 17.89 -9.34
N SER A 319 2.51 17.17 -8.36
CA SER A 319 2.48 17.69 -7.02
C SER A 319 3.49 18.83 -6.88
N LEU A 320 3.20 19.79 -5.97
CA LEU A 320 4.10 20.91 -5.77
C LEU A 320 4.76 20.87 -4.38
N LEU A 321 6.06 20.80 -4.39
CA LEU A 321 6.87 20.80 -3.14
C LEU A 321 7.65 22.11 -3.14
N LEU A 322 7.17 23.03 -2.26
CA LEU A 322 7.68 24.47 -2.30
C LEU A 322 8.55 24.65 -1.04
N ASN A 323 9.84 24.96 -1.30
CA ASN A 323 10.74 25.22 -0.11
C ASN A 323 10.69 26.70 0.41
N ILE A 324 10.65 26.79 1.74
CA ILE A 324 10.75 28.11 2.42
C ILE A 324 11.82 27.88 3.50
N PRO A 325 12.91 28.67 3.43
CA PRO A 325 13.98 28.34 4.39
C PRO A 325 14.00 29.23 5.64
N PRO A 326 13.95 28.65 6.86
CA PRO A 326 14.09 29.53 8.05
C PRO A 326 15.49 30.16 8.10
N SER A 327 15.52 31.30 8.80
CA SER A 327 16.76 32.07 8.95
C SER A 327 17.61 31.65 10.14
N PRO A 328 18.89 32.22 10.18
CA PRO A 328 19.75 32.07 11.39
C PRO A 328 19.11 32.71 12.61
N GLU A 329 18.08 33.54 12.45
CA GLU A 329 17.35 34.15 13.57
C GLU A 329 16.12 33.31 13.99
N GLY A 330 16.00 32.10 13.35
CA GLY A 330 15.10 31.08 13.94
C GLY A 330 13.72 31.07 13.26
N LEU A 331 13.49 31.94 12.23
CA LEU A 331 12.12 32.19 11.82
C LEU A 331 12.01 32.13 10.28
N LEU A 332 10.80 31.88 9.79
CA LEU A 332 10.52 32.28 8.40
C LEU A 332 10.41 33.79 8.30
N ALA A 333 11.08 34.35 7.31
CA ALA A 333 11.23 35.79 7.20
C ALA A 333 9.93 36.41 6.77
N GLU A 334 9.76 37.72 6.98
CA GLU A 334 8.47 38.38 6.71
C GLU A 334 7.98 38.33 5.28
N PRO A 335 8.85 38.52 4.27
CA PRO A 335 8.35 38.47 2.91
C PRO A 335 7.82 37.07 2.57
N ASP A 336 8.55 36.09 3.12
CA ASP A 336 8.09 34.69 2.83
C ASP A 336 6.76 34.45 3.47
N VAL A 337 6.58 34.87 4.74
CA VAL A 337 5.33 34.68 5.38
C VAL A 337 4.22 35.40 4.63
N GLN A 338 4.52 36.62 4.21
CA GLN A 338 3.44 37.39 3.48
C GLN A 338 3.06 36.66 2.17
N SER A 339 4.05 36.16 1.46
CA SER A 339 3.76 35.42 0.20
C SER A 339 2.97 34.16 0.43
N LEU A 340 3.33 33.46 1.55
CA LEU A 340 2.60 32.25 1.88
C LEU A 340 1.17 32.61 2.24
N LYS A 341 1.02 33.69 3.02
CA LYS A 341 -0.33 34.05 3.40
C LYS A 341 -1.23 34.34 2.17
N GLY A 342 -0.70 35.08 1.23
CA GLY A 342 -1.43 35.51 -0.02
C GLY A 342 -1.70 34.29 -0.86
N LEU A 343 -0.69 33.34 -0.92
CA LEU A 343 -0.94 32.08 -1.66
C LEU A 343 -2.12 31.31 -1.06
N GLY A 344 -2.17 31.19 0.28
CA GLY A 344 -3.21 30.42 0.91
C GLY A 344 -4.59 31.10 0.67
N ARG A 345 -4.60 32.45 0.73
CA ARG A 345 -5.85 33.20 0.45
C ARG A 345 -6.32 32.96 -0.99
N ARG A 346 -5.38 32.98 -1.95
CA ARG A 346 -5.82 32.77 -3.36
C ARG A 346 -6.29 31.35 -3.62
N VAL A 347 -5.66 30.36 -2.97
CA VAL A 347 -6.09 29.02 -3.11
C VAL A 347 -7.45 28.79 -2.47
N SER A 348 -7.61 29.30 -1.26
CA SER A 348 -8.91 29.14 -0.62
C SER A 348 -10.03 29.84 -1.47
N GLU A 349 -9.76 31.03 -2.01
CA GLU A 349 -10.79 31.76 -2.84
C GLU A 349 -11.10 30.93 -4.08
N PHE A 350 -10.09 30.39 -4.73
CA PHE A 350 -10.29 29.46 -5.88
C PHE A 350 -11.16 28.24 -5.53
N ARG A 351 -10.84 27.57 -4.40
CA ARG A 351 -11.65 26.41 -3.97
C ARG A 351 -13.14 26.79 -3.73
N GLU A 352 -13.38 28.02 -3.25
CA GLU A 352 -14.72 28.58 -2.97
C GLU A 352 -15.41 29.11 -4.23
N ALA A 353 -14.65 29.72 -5.15
CA ALA A 353 -15.23 30.06 -6.49
C ALA A 353 -15.69 28.77 -7.15
N LEU A 354 -14.91 27.71 -6.94
CA LEU A 354 -15.15 26.43 -7.53
C LEU A 354 -16.37 25.74 -6.91
N ALA A 355 -16.38 25.62 -5.58
CA ALA A 355 -17.52 25.02 -4.90
C ALA A 355 -18.79 25.87 -5.10
N SER A 356 -18.65 27.17 -5.33
CA SER A 356 -19.79 28.01 -5.69
C SER A 356 -20.43 27.83 -7.13
N VAL A 357 -19.84 27.09 -8.08
CA VAL A 357 -20.40 27.13 -9.46
C VAL A 357 -21.69 26.29 -9.60
N ARG A 358 -22.70 26.85 -10.27
CA ARG A 358 -23.95 26.10 -10.57
C ARG A 358 -23.94 25.85 -12.04
N CYS A 359 -23.95 24.59 -12.44
CA CYS A 359 -24.10 24.31 -13.88
C CYS A 359 -24.72 22.97 -14.11
N GLU A 360 -25.36 22.82 -15.26
CA GLU A 360 -25.95 21.58 -15.58
C GLU A 360 -24.97 20.87 -16.48
N ALA A 361 -24.69 19.62 -16.22
CA ALA A 361 -23.88 18.78 -17.12
C ALA A 361 -24.66 17.89 -17.97
N ARG A 362 -24.35 17.90 -19.24
CA ARG A 362 -24.88 16.99 -20.15
C ARG A 362 -23.73 16.29 -20.88
N THR A 363 -23.89 15.04 -21.25
CA THR A 363 -22.91 14.26 -21.87
C THR A 363 -23.32 13.62 -23.19
N SER A 364 -22.34 13.30 -23.98
CA SER A 364 -22.53 12.65 -25.28
C SER A 364 -23.06 11.21 -25.29
N SER A 365 -22.86 10.52 -24.19
CA SER A 365 -23.33 9.15 -23.96
C SER A 365 -23.33 8.99 -22.41
N ALA A 366 -23.99 7.91 -21.94
CA ALA A 366 -24.06 7.61 -20.53
C ALA A 366 -24.56 8.75 -19.68
N SER A 367 -25.74 9.34 -20.03
CA SER A 367 -26.30 10.44 -19.29
C SER A 367 -26.60 10.17 -17.82
N ALA A 368 -26.87 8.88 -17.53
CA ALA A 368 -27.16 8.45 -16.15
C ALA A 368 -25.99 8.76 -15.21
N ALA A 369 -24.77 8.90 -15.77
CA ALA A 369 -23.63 9.23 -14.91
C ALA A 369 -23.16 10.68 -15.10
N ALA A 370 -23.87 11.50 -15.89
CA ALA A 370 -23.42 12.92 -16.05
C ALA A 370 -23.34 13.67 -14.75
N ALA A 371 -24.24 13.39 -13.79
CA ALA A 371 -24.23 14.11 -12.60
C ALA A 371 -22.93 13.87 -11.73
N HIS A 372 -22.26 12.75 -12.00
CA HIS A 372 -20.97 12.44 -11.31
C HIS A 372 -19.90 13.48 -11.69
N LEU A 373 -20.14 14.23 -12.77
CA LEU A 373 -19.09 15.29 -13.09
C LEU A 373 -19.16 16.47 -12.20
N VAL A 374 -20.34 16.73 -11.66
CA VAL A 374 -20.64 17.97 -10.98
C VAL A 374 -21.05 17.84 -9.50
N ASP A 375 -20.80 16.65 -8.92
CA ASP A 375 -21.26 16.36 -7.55
C ASP A 375 -20.27 16.67 -6.46
N GLY A 376 -19.05 17.12 -6.83
CA GLY A 376 -18.02 17.34 -5.84
C GLY A 376 -17.42 16.09 -5.22
N ASN A 377 -17.71 14.90 -5.77
CA ASN A 377 -17.28 13.62 -5.18
C ASN A 377 -16.16 13.06 -6.05
N ARG A 378 -14.95 13.00 -5.46
CA ARG A 378 -13.77 12.46 -6.22
C ARG A 378 -13.90 10.98 -6.55
N ASP A 379 -14.82 10.27 -5.88
CA ASP A 379 -14.98 8.86 -6.14
C ASP A 379 -16.14 8.49 -7.00
N THR A 380 -16.84 9.47 -7.63
CA THR A 380 -17.74 9.12 -8.68
C THR A 380 -17.28 9.74 -9.97
N PHE A 381 -17.60 9.05 -11.05
CA PHE A 381 -17.13 9.48 -12.35
C PHE A 381 -18.11 9.19 -13.46
N TRP A 382 -17.95 9.96 -14.56
CA TRP A 382 -18.59 9.65 -15.87
C TRP A 382 -17.65 9.01 -16.79
N ARG A 383 -18.08 8.02 -17.55
CA ARG A 383 -17.28 7.31 -18.50
C ARG A 383 -18.21 7.18 -19.74
N PRO A 384 -17.79 7.66 -20.88
CA PRO A 384 -18.66 7.46 -22.10
C PRO A 384 -18.79 6.02 -22.50
N ASP A 385 -19.84 5.70 -23.23
CA ASP A 385 -19.88 4.33 -23.74
C ASP A 385 -18.70 3.99 -24.66
N ALA A 386 -18.28 2.71 -24.71
CA ALA A 386 -17.09 2.33 -25.40
C ALA A 386 -17.23 2.60 -26.91
N ASP A 387 -18.45 2.64 -27.44
CA ASP A 387 -18.64 3.03 -28.85
C ASP A 387 -19.08 4.49 -29.12
N ASP A 388 -19.09 5.33 -28.10
CA ASP A 388 -19.20 6.80 -28.28
C ASP A 388 -17.95 7.33 -29.01
N ALA A 389 -18.16 7.82 -30.25
CA ALA A 389 -17.06 8.14 -31.15
C ALA A 389 -16.55 9.56 -30.89
N ALA A 390 -17.26 10.32 -30.05
CA ALA A 390 -16.99 11.77 -29.81
C ALA A 390 -17.33 12.19 -28.38
N PRO A 391 -16.56 11.66 -27.37
CA PRO A 391 -16.96 11.94 -26.01
C PRO A 391 -16.92 13.41 -25.72
N ALA A 392 -17.99 13.94 -25.11
CA ALA A 392 -18.05 15.37 -24.84
C ALA A 392 -18.93 15.61 -23.66
N ILE A 393 -18.60 16.65 -22.95
CA ILE A 393 -19.32 17.19 -21.78
C ILE A 393 -19.71 18.60 -22.07
N THR A 394 -21.02 18.94 -21.90
CA THR A 394 -21.37 20.38 -21.99
C THR A 394 -21.77 20.79 -20.67
N LEU A 395 -21.28 21.91 -20.18
CA LEU A 395 -21.52 22.48 -18.90
C LEU A 395 -22.31 23.73 -19.22
N THR A 396 -23.63 23.72 -18.88
CA THR A 396 -24.44 24.95 -19.14
C THR A 396 -24.61 25.73 -17.87
N LEU A 397 -24.32 27.03 -17.95
CA LEU A 397 -24.32 27.97 -16.85
C LEU A 397 -25.80 28.50 -16.72
N PRO A 398 -26.20 28.87 -15.54
CA PRO A 398 -27.59 29.40 -15.42
C PRO A 398 -27.91 30.67 -16.23
N GLN A 399 -26.94 31.58 -16.30
CA GLN A 399 -27.01 32.79 -17.18
C GLN A 399 -25.60 33.00 -17.72
N PRO A 400 -25.47 33.88 -18.70
CA PRO A 400 -24.11 34.21 -19.15
C PRO A 400 -23.20 34.56 -18.00
N THR A 401 -21.93 34.04 -18.02
CA THR A 401 -21.03 34.18 -16.90
C THR A 401 -19.65 34.35 -17.43
N THR A 402 -18.88 35.26 -16.86
CA THR A 402 -17.44 35.46 -17.20
C THR A 402 -16.59 34.30 -16.51
N ILE A 403 -15.87 33.63 -17.36
CA ILE A 403 -14.97 32.53 -16.89
C ILE A 403 -13.58 32.71 -17.44
N ASN A 404 -12.61 32.04 -16.81
CA ASN A 404 -11.27 32.06 -17.43
C ASN A 404 -10.50 30.74 -17.15
N ALA A 405 -11.22 29.66 -16.83
CA ALA A 405 -10.55 28.36 -16.72
C ALA A 405 -11.54 27.29 -16.75
N ILE A 406 -11.07 26.12 -17.17
CA ILE A 406 -11.83 24.93 -16.88
C ILE A 406 -10.98 23.97 -16.08
N VAL A 407 -11.69 23.21 -15.26
CA VAL A 407 -11.02 22.26 -14.38
C VAL A 407 -11.56 20.92 -14.79
N ILE A 408 -10.68 19.95 -15.01
CA ILE A 408 -11.17 18.58 -15.27
C ILE A 408 -10.23 17.59 -14.57
N GLU A 409 -10.82 16.57 -13.95
CA GLU A 409 -10.00 15.59 -13.13
C GLU A 409 -10.35 14.18 -13.60
N GLU A 410 -9.34 13.28 -13.76
CA GLU A 410 -9.67 11.92 -14.02
C GLU A 410 -9.77 11.18 -12.71
N ALA A 411 -10.49 10.03 -12.77
CA ALA A 411 -10.62 9.18 -11.59
C ALA A 411 -9.38 8.34 -11.56
N ILE A 412 -8.26 8.91 -11.10
CA ILE A 412 -6.95 8.27 -11.31
C ILE A 412 -6.74 7.00 -10.50
N GLU A 413 -7.63 6.75 -9.51
CA GLU A 413 -7.56 5.41 -8.88
C GLU A 413 -7.63 4.29 -9.88
N HIS A 414 -8.32 4.54 -11.04
CA HIS A 414 -8.47 3.57 -12.06
C HIS A 414 -7.55 3.80 -13.28
N GLY A 415 -6.58 4.75 -13.22
CA GLY A 415 -5.64 4.86 -14.34
C GLY A 415 -5.63 6.30 -14.90
N GLN A 416 -4.81 6.46 -15.89
CA GLN A 416 -4.73 7.78 -16.58
C GLN A 416 -4.86 7.52 -18.08
N ARG A 417 -5.87 8.15 -18.69
CA ARG A 417 -6.22 7.75 -20.05
C ARG A 417 -6.33 8.95 -21.02
N ILE A 418 -6.73 10.14 -20.57
CA ILE A 418 -7.01 11.20 -21.59
C ILE A 418 -5.71 11.62 -22.26
N GLU A 419 -5.83 11.79 -23.59
CA GLU A 419 -4.70 12.22 -24.41
C GLU A 419 -4.91 13.54 -25.12
N HIS A 420 -6.16 13.95 -25.28
CA HIS A 420 -6.35 15.28 -25.78
C HIS A 420 -7.72 15.78 -25.39
N LEU A 421 -7.78 17.07 -25.22
CA LEU A 421 -9.00 17.78 -24.79
C LEU A 421 -9.07 19.11 -25.58
N ARG A 422 -10.24 19.39 -26.22
CA ARG A 422 -10.42 20.76 -26.83
C ARG A 422 -11.62 21.41 -26.14
N VAL A 423 -11.50 22.64 -25.66
CA VAL A 423 -12.59 23.28 -24.92
C VAL A 423 -13.13 24.37 -25.81
N THR A 424 -14.45 24.29 -25.98
CA THR A 424 -15.11 25.39 -26.79
C THR A 424 -16.08 26.12 -25.85
N GLY A 425 -16.39 27.39 -26.17
CA GLY A 425 -17.31 28.22 -25.43
C GLY A 425 -18.45 28.65 -26.40
N ALA A 426 -19.66 28.56 -25.88
CA ALA A 426 -20.86 29.12 -26.64
C ALA A 426 -21.13 30.43 -26.05
N LEU A 427 -21.10 31.53 -26.84
CA LEU A 427 -21.21 32.86 -26.27
C LEU A 427 -22.76 33.20 -26.20
N PRO A 428 -23.04 34.34 -25.57
CA PRO A 428 -24.50 34.58 -25.40
C PRO A 428 -25.23 34.89 -26.67
N ASP A 429 -24.52 35.29 -27.73
CA ASP A 429 -25.12 35.46 -29.04
C ASP A 429 -25.33 34.18 -29.86
N GLY A 430 -24.97 33.00 -29.30
CA GLY A 430 -25.06 31.71 -29.96
C GLY A 430 -23.86 31.36 -30.86
N THR A 431 -22.89 32.27 -30.94
CA THR A 431 -21.62 31.88 -31.67
C THR A 431 -20.71 31.12 -30.73
N GLU A 432 -19.61 30.60 -31.29
CA GLU A 432 -18.75 29.83 -30.38
C GLU A 432 -17.29 30.09 -30.76
N ARG A 433 -16.46 29.78 -29.75
CA ARG A 433 -14.99 29.94 -29.95
C ARG A 433 -14.32 28.71 -29.38
N VAL A 434 -13.07 28.56 -29.81
CA VAL A 434 -12.17 27.55 -29.12
C VAL A 434 -11.50 28.30 -28.02
N LEU A 435 -11.66 27.86 -26.75
CA LEU A 435 -11.14 28.55 -25.60
C LEU A 435 -9.65 28.09 -25.31
N GLY A 436 -9.46 26.81 -25.55
CA GLY A 436 -8.09 26.23 -25.36
C GLY A 436 -8.13 24.73 -25.54
N GLN A 437 -6.95 24.14 -25.36
CA GLN A 437 -6.81 22.71 -25.67
C GLN A 437 -5.64 22.24 -24.67
N ALA A 438 -5.72 20.95 -24.31
CA ALA A 438 -4.61 20.35 -23.56
C ALA A 438 -4.46 18.90 -23.98
N GLY A 439 -3.37 18.27 -23.53
CA GLY A 439 -3.14 16.85 -23.83
C GLY A 439 -3.59 16.01 -22.61
N THR A 440 -2.65 15.81 -21.70
CA THR A 440 -2.99 14.98 -20.53
C THR A 440 -3.87 15.72 -19.51
N VAL A 441 -4.58 14.91 -18.68
CA VAL A 441 -5.33 15.45 -17.55
C VAL A 441 -4.80 14.87 -16.30
N GLY A 442 -4.97 13.55 -16.12
CA GLY A 442 -4.43 12.98 -14.88
C GLY A 442 -5.17 13.49 -13.65
N TYR A 443 -4.48 13.77 -12.55
CA TYR A 443 -5.13 14.14 -11.33
C TYR A 443 -5.99 15.43 -11.55
N ARG A 444 -5.38 16.41 -12.21
CA ARG A 444 -6.23 17.65 -12.43
C ARG A 444 -5.54 18.42 -13.53
N ARG A 445 -6.33 18.80 -14.55
CA ARG A 445 -5.91 19.87 -15.52
C ARG A 445 -6.73 21.13 -15.18
N ILE A 446 -6.01 22.23 -15.06
CA ILE A 446 -6.62 23.54 -14.94
C ILE A 446 -6.14 24.23 -16.26
N LEU A 447 -7.11 24.45 -17.17
CA LEU A 447 -6.76 25.04 -18.46
C LEU A 447 -7.21 26.47 -18.36
N ARG A 448 -6.26 27.44 -18.46
CA ARG A 448 -6.52 28.86 -18.27
C ARG A 448 -6.57 29.57 -19.65
N PHE A 449 -7.40 30.59 -19.67
CA PHE A 449 -7.53 31.43 -20.91
C PHE A 449 -8.05 32.81 -20.51
N ASP A 450 -8.16 33.72 -21.50
CA ASP A 450 -8.58 35.02 -21.23
C ASP A 450 -10.02 35.12 -20.80
N ASP A 451 -10.34 36.03 -19.92
CA ASP A 451 -11.70 36.23 -19.45
C ASP A 451 -12.65 36.25 -20.64
N VAL A 452 -13.74 35.50 -20.51
CA VAL A 452 -14.74 35.44 -21.59
C VAL A 452 -16.07 35.17 -21.03
N GLU A 453 -17.13 35.87 -21.51
CA GLU A 453 -18.46 35.58 -21.02
C GLU A 453 -19.14 34.49 -21.90
N VAL A 454 -19.62 33.38 -21.30
CA VAL A 454 -20.19 32.30 -22.02
C VAL A 454 -21.52 31.89 -21.38
N SER A 455 -22.31 31.26 -22.19
CA SER A 455 -23.55 30.58 -21.78
C SER A 455 -23.24 29.13 -21.40
N SER A 456 -22.27 28.53 -22.11
CA SER A 456 -21.89 27.13 -21.81
C SER A 456 -20.49 26.85 -22.36
N VAL A 457 -19.93 25.77 -21.90
CA VAL A 457 -18.64 25.30 -22.53
C VAL A 457 -18.80 23.84 -22.86
N THR A 458 -18.04 23.34 -23.83
CA THR A 458 -18.09 21.93 -24.13
C THR A 458 -16.64 21.42 -24.10
N LEU A 459 -16.44 20.33 -23.33
CA LEU A 459 -15.11 19.76 -23.19
C LEU A 459 -15.16 18.60 -24.13
N HIS A 460 -14.45 18.65 -25.25
CA HIS A 460 -14.48 17.61 -26.19
C HIS A 460 -13.26 16.72 -25.88
N VAL A 461 -13.46 15.48 -25.39
CA VAL A 461 -12.30 14.65 -25.00
C VAL A 461 -12.03 13.74 -26.20
N ASP A 462 -11.26 14.31 -27.14
CA ASP A 462 -11.12 13.70 -28.42
C ASP A 462 -9.86 12.84 -28.62
N GLY A 463 -9.10 12.60 -27.50
CA GLY A 463 -8.12 11.51 -27.60
C GLY A 463 -8.05 10.86 -26.19
N SER A 464 -8.10 9.54 -26.19
CA SER A 464 -7.99 8.83 -24.93
C SER A 464 -7.49 7.44 -25.21
N ARG A 465 -6.83 6.87 -24.18
CA ARG A 465 -6.53 5.46 -24.18
C ARG A 465 -7.65 4.63 -23.55
N LEU A 466 -8.56 4.10 -24.46
CA LEU A 466 -9.83 3.50 -24.00
C LEU A 466 -10.72 4.63 -23.45
N ALA A 467 -11.86 4.24 -22.85
CA ALA A 467 -12.85 5.24 -22.48
C ALA A 467 -12.39 5.95 -21.25
N PRO A 468 -12.32 7.26 -21.22
CA PRO A 468 -11.88 7.98 -19.99
C PRO A 468 -12.85 8.01 -18.84
N MET A 469 -12.34 8.11 -17.63
CA MET A 469 -13.19 8.15 -16.45
C MET A 469 -12.96 9.45 -15.71
N ILE A 470 -13.97 10.29 -15.80
CA ILE A 470 -13.75 11.73 -15.40
C ILE A 470 -14.57 12.00 -14.13
N SER A 471 -13.92 12.40 -13.05
CA SER A 471 -14.63 12.57 -11.75
C SER A 471 -15.03 13.97 -11.48
N ARG A 472 -14.59 14.97 -12.30
CA ARG A 472 -14.97 16.40 -12.07
C ARG A 472 -14.77 17.19 -13.41
N ALA A 473 -15.79 18.02 -13.79
CA ALA A 473 -15.59 18.95 -14.93
C ALA A 473 -16.17 20.21 -14.38
N ALA A 474 -15.48 21.35 -14.55
CA ALA A 474 -16.05 22.59 -14.05
C ALA A 474 -15.55 23.76 -14.88
N ALA A 475 -16.38 24.81 -14.95
CA ALA A 475 -15.93 26.07 -15.59
C ALA A 475 -15.98 27.14 -14.55
N VAL A 476 -14.92 27.92 -14.43
CA VAL A 476 -14.76 28.80 -13.28
C VAL A 476 -14.12 30.13 -13.68
N ARG A 477 -14.27 31.15 -12.83
CA ARG A 477 -13.54 32.37 -12.94
C ARG A 477 -12.49 32.50 -11.81
N ILE A 478 -11.23 32.31 -12.17
CA ILE A 478 -10.21 32.45 -11.17
C ILE A 478 -9.96 33.92 -10.98
N GLY B 8 22.82 -8.03 21.33
CA GLY B 8 23.25 -8.54 19.99
C GLY B 8 22.04 -8.54 19.05
N ILE B 9 21.02 -7.77 19.43
CA ILE B 9 19.79 -7.78 18.58
C ILE B 9 19.28 -6.35 18.45
N ASN B 10 18.72 -6.03 17.25
CA ASN B 10 18.23 -4.69 17.09
C ASN B 10 16.74 -4.63 17.29
N LEU B 11 16.31 -4.51 18.53
CA LEU B 11 14.84 -4.40 18.87
C LEU B 11 14.21 -3.14 18.32
N ASN B 12 14.91 -2.00 18.29
CA ASN B 12 14.31 -0.80 17.75
C ASN B 12 13.93 -0.99 16.26
N TYR B 13 14.60 -1.84 15.53
CA TYR B 13 14.16 -2.14 14.14
C TYR B 13 13.07 -3.23 14.23
N LEU B 14 13.39 -4.38 14.90
CA LEU B 14 12.47 -5.53 14.80
C LEU B 14 11.08 -5.23 15.34
N ALA B 15 11.05 -4.52 16.46
CA ALA B 15 9.78 -4.18 17.12
C ALA B 15 8.95 -3.13 16.43
N ASN B 16 9.48 -2.60 15.33
CA ASN B 16 8.81 -1.55 14.59
C ASN B 16 8.54 -1.93 13.13
N VAL B 17 8.87 -3.19 12.79
CA VAL B 17 8.46 -3.72 11.43
C VAL B 17 6.94 -3.84 11.39
N ARG B 18 6.32 -3.36 10.31
CA ARG B 18 4.85 -3.26 10.35
C ARG B 18 4.26 -3.72 9.01
N PRO B 19 2.99 -4.11 9.05
CA PRO B 19 2.30 -4.48 7.80
C PRO B 19 2.06 -3.24 6.96
N SER B 20 2.06 -3.50 5.61
CA SER B 20 1.54 -2.45 4.74
C SER B 20 0.00 -2.36 4.83
N SER B 21 -0.58 -1.35 4.14
CA SER B 21 -2.06 -1.24 4.13
C SER B 21 -2.73 -2.50 3.57
N ARG B 22 -2.10 -3.07 2.54
CA ARG B 22 -2.75 -4.20 1.93
C ARG B 22 -2.58 -5.44 2.81
N GLN B 23 -1.41 -5.56 3.45
CA GLN B 23 -1.26 -6.67 4.38
C GLN B 23 -2.16 -6.60 5.60
N LEU B 24 -2.43 -5.38 6.09
CA LEU B 24 -3.32 -5.23 7.23
C LEU B 24 -4.79 -5.53 6.87
N ALA B 25 -5.21 -5.07 5.66
CA ALA B 25 -6.56 -5.33 5.25
C ALA B 25 -6.72 -6.87 5.01
N TRP B 26 -5.64 -7.51 4.44
CA TRP B 26 -5.74 -8.95 4.17
C TRP B 26 -5.85 -9.67 5.51
N GLN B 27 -5.08 -9.25 6.51
CA GLN B 27 -5.03 -9.93 7.82
C GLN B 27 -6.45 -9.90 8.43
N ARG B 28 -7.13 -8.77 8.26
CA ARG B 28 -8.46 -8.65 8.84
C ARG B 28 -9.53 -9.48 8.11
N MET B 29 -9.19 -10.15 6.98
CA MET B 29 -10.13 -11.07 6.41
C MET B 29 -10.25 -12.35 7.19
N GLU B 30 -9.14 -12.78 7.81
CA GLU B 30 -9.05 -13.99 8.74
C GLU B 30 -9.16 -15.33 8.04
N MET B 31 -10.29 -15.58 7.33
CA MET B 31 -10.47 -16.88 6.71
C MET B 31 -11.20 -16.62 5.39
N TYR B 32 -10.74 -17.28 4.34
CA TYR B 32 -11.40 -17.16 3.04
C TYR B 32 -11.16 -18.51 2.30
N ALA B 33 -11.84 -18.67 1.19
CA ALA B 33 -11.95 -20.01 0.57
C ALA B 33 -11.09 -20.13 -0.64
N PHE B 34 -10.72 -21.40 -0.90
CA PHE B 34 -10.12 -21.80 -2.21
C PHE B 34 -11.18 -22.59 -2.92
N LEU B 35 -11.21 -22.44 -4.25
CA LEU B 35 -12.05 -23.32 -5.08
C LEU B 35 -11.07 -23.95 -6.13
N HIS B 36 -10.76 -25.27 -6.00
CA HIS B 36 -10.02 -25.96 -7.07
C HIS B 36 -11.06 -26.58 -7.95
N PHE B 37 -11.10 -26.16 -9.16
CA PHE B 37 -12.09 -26.66 -10.14
C PHE B 37 -11.46 -26.50 -11.50
N GLY B 38 -11.77 -27.49 -12.36
CA GLY B 38 -11.26 -27.33 -13.75
C GLY B 38 -11.21 -28.73 -14.41
N MET B 39 -10.18 -28.92 -15.23
CA MET B 39 -10.08 -30.22 -15.98
C MET B 39 -9.93 -31.33 -15.01
N ASN B 40 -9.21 -31.17 -13.93
CA ASN B 40 -8.99 -32.28 -12.92
C ASN B 40 -10.29 -32.75 -12.24
N THR B 41 -11.29 -31.84 -12.19
CA THR B 41 -12.63 -32.22 -11.64
C THR B 41 -13.28 -33.31 -12.56
N MET B 42 -13.00 -33.17 -13.82
CA MET B 42 -13.51 -34.11 -14.82
C MET B 42 -12.75 -35.41 -14.95
N THR B 43 -11.47 -35.37 -14.74
CA THR B 43 -10.59 -36.58 -14.88
C THR B 43 -10.34 -37.24 -13.53
N ASP B 44 -10.80 -36.65 -12.38
CA ASP B 44 -10.59 -37.21 -11.09
C ASP B 44 -9.18 -37.22 -10.65
N ARG B 45 -8.51 -36.08 -10.97
CA ARG B 45 -7.08 -35.99 -10.69
C ARG B 45 -6.76 -34.88 -9.68
N GLU B 46 -5.62 -35.05 -9.06
CA GLU B 46 -5.05 -33.95 -8.19
C GLU B 46 -4.13 -33.14 -9.09
N TRP B 47 -3.13 -33.79 -9.75
CA TRP B 47 -2.32 -33.14 -10.84
C TRP B 47 -2.69 -33.80 -12.15
N GLY B 48 -3.12 -32.98 -13.09
CA GLY B 48 -3.34 -33.50 -14.49
C GLY B 48 -2.02 -33.65 -15.18
N LEU B 49 -1.91 -34.68 -16.06
CA LEU B 49 -0.70 -34.93 -16.84
C LEU B 49 -0.41 -33.76 -17.88
N GLY B 50 -1.43 -32.97 -18.21
CA GLY B 50 -1.29 -31.96 -19.26
C GLY B 50 -1.77 -32.51 -20.59
N HIS B 51 -2.10 -31.59 -21.50
CA HIS B 51 -2.62 -31.94 -22.84
C HIS B 51 -3.85 -32.73 -22.86
N GLU B 52 -4.67 -32.61 -21.80
CA GLU B 52 -6.00 -33.24 -21.83
C GLU B 52 -6.85 -32.63 -22.90
N ASP B 53 -7.70 -33.45 -23.49
CA ASP B 53 -8.57 -32.94 -24.51
C ASP B 53 -9.63 -32.01 -23.90
N PRO B 54 -9.76 -30.77 -24.42
CA PRO B 54 -10.80 -29.88 -23.83
C PRO B 54 -12.22 -30.38 -23.94
N ALA B 55 -12.48 -31.33 -24.85
CA ALA B 55 -13.74 -31.99 -24.84
C ALA B 55 -14.14 -32.66 -23.52
N LEU B 56 -13.14 -33.03 -22.68
CA LEU B 56 -13.43 -33.68 -21.40
C LEU B 56 -14.07 -32.67 -20.42
N PHE B 57 -13.85 -31.35 -20.66
CA PHE B 57 -14.40 -30.33 -19.71
C PHE B 57 -15.88 -30.02 -19.99
N ASN B 58 -16.70 -30.87 -19.41
CA ASN B 58 -18.15 -30.72 -19.60
C ASN B 58 -18.96 -30.86 -18.33
N PRO B 59 -18.57 -30.12 -17.29
CA PRO B 59 -19.35 -30.32 -16.08
C PRO B 59 -20.79 -29.99 -16.23
N ARG B 60 -21.62 -30.71 -15.45
CA ARG B 60 -23.07 -30.58 -15.56
C ARG B 60 -23.59 -29.61 -14.53
N ASN B 61 -24.49 -28.79 -15.00
CA ASN B 61 -25.32 -27.96 -14.09
C ASN B 61 -24.48 -27.09 -13.15
N VAL B 62 -23.46 -26.45 -13.71
CA VAL B 62 -22.63 -25.59 -12.81
C VAL B 62 -23.52 -24.45 -12.28
N ASP B 63 -23.48 -24.26 -10.97
CA ASP B 63 -24.29 -23.17 -10.33
C ASP B 63 -23.42 -22.55 -9.28
N VAL B 64 -22.71 -21.52 -9.78
CA VAL B 64 -21.73 -20.86 -8.85
C VAL B 64 -22.46 -20.11 -7.70
N ASP B 65 -23.75 -19.77 -7.89
CA ASP B 65 -24.41 -19.13 -6.73
C ASP B 65 -24.64 -20.11 -5.59
N GLN B 66 -24.82 -21.46 -5.87
CA GLN B 66 -24.87 -22.42 -4.84
C GLN B 66 -23.50 -22.46 -4.06
N TRP B 67 -22.43 -22.31 -4.86
CA TRP B 67 -21.10 -22.35 -4.20
C TRP B 67 -21.03 -21.17 -3.27
N MET B 68 -21.30 -19.99 -3.80
CA MET B 68 -21.15 -18.72 -3.01
C MET B 68 -22.08 -18.66 -1.82
N ASP B 69 -23.31 -19.24 -1.95
CA ASP B 69 -24.22 -19.26 -0.76
C ASP B 69 -23.56 -20.07 0.37
N ALA B 70 -22.86 -21.20 0.00
CA ALA B 70 -22.34 -22.08 1.03
C ALA B 70 -21.16 -21.34 1.65
N LEU B 71 -20.39 -20.61 0.84
CA LEU B 71 -19.22 -19.98 1.43
C LEU B 71 -19.61 -18.79 2.36
N VAL B 72 -20.70 -18.07 2.01
CA VAL B 72 -21.23 -17.07 2.92
C VAL B 72 -21.76 -17.74 4.21
N ALA B 73 -22.37 -18.90 4.08
CA ALA B 73 -22.78 -19.59 5.31
C ALA B 73 -21.59 -20.03 6.17
N GLY B 74 -20.41 -20.31 5.55
CA GLY B 74 -19.27 -20.62 6.37
C GLY B 74 -18.49 -19.41 6.87
N GLY B 75 -18.99 -18.20 6.61
CA GLY B 75 -18.36 -17.00 7.13
C GLY B 75 -17.12 -16.61 6.33
N MET B 76 -17.00 -17.12 5.11
CA MET B 76 -15.78 -16.75 4.35
C MET B 76 -15.77 -15.27 4.00
N ALA B 77 -14.55 -14.64 3.93
CA ALA B 77 -14.46 -13.27 3.55
C ALA B 77 -14.22 -13.09 2.05
N GLY B 78 -13.87 -14.22 1.40
CA GLY B 78 -13.53 -14.10 -0.05
C GLY B 78 -13.31 -15.49 -0.59
N VAL B 79 -12.98 -15.53 -1.90
CA VAL B 79 -12.79 -16.85 -2.58
C VAL B 79 -11.69 -16.65 -3.59
N ILE B 80 -10.76 -17.66 -3.63
CA ILE B 80 -9.68 -17.67 -4.65
C ILE B 80 -9.99 -18.83 -5.60
N LEU B 81 -10.17 -18.48 -6.87
CA LEU B 81 -10.48 -19.58 -7.86
C LEU B 81 -9.19 -20.04 -8.56
N THR B 82 -9.08 -21.36 -8.77
CA THR B 82 -8.01 -21.86 -9.72
C THR B 82 -8.42 -21.54 -11.15
N CYS B 83 -7.95 -20.42 -11.64
CA CYS B 83 -8.16 -20.00 -13.01
C CYS B 83 -7.38 -20.83 -14.02
N LYS B 84 -6.27 -21.34 -13.55
CA LYS B 84 -5.44 -22.32 -14.34
C LYS B 84 -4.64 -23.08 -13.33
N HIS B 85 -4.76 -24.48 -13.33
CA HIS B 85 -3.93 -25.24 -12.45
C HIS B 85 -2.75 -25.80 -13.23
N HIS B 86 -1.99 -26.67 -12.61
CA HIS B 86 -0.69 -26.99 -13.29
C HIS B 86 -0.92 -27.66 -14.66
N ASP B 87 -2.03 -28.36 -14.83
CA ASP B 87 -2.29 -29.01 -16.14
C ASP B 87 -2.43 -27.96 -17.27
N GLY B 88 -2.67 -26.65 -16.97
CA GLY B 88 -2.68 -25.67 -18.02
C GLY B 88 -4.07 -25.26 -18.55
N PHE B 89 -5.15 -26.02 -18.22
CA PHE B 89 -6.46 -25.66 -18.75
C PHE B 89 -7.08 -24.40 -18.11
N CYS B 90 -7.42 -23.46 -18.96
CA CYS B 90 -7.89 -22.16 -18.43
C CYS B 90 -9.37 -22.04 -18.33
N LEU B 91 -9.85 -21.56 -17.20
CA LEU B 91 -11.29 -21.41 -16.95
C LEU B 91 -11.94 -20.19 -17.53
N TRP B 92 -11.17 -19.39 -18.29
CA TRP B 92 -11.70 -18.25 -19.02
C TRP B 92 -11.20 -18.35 -20.46
N PRO B 93 -11.89 -17.65 -21.37
CA PRO B 93 -11.49 -17.79 -22.79
C PRO B 93 -10.29 -16.85 -23.10
N SER B 94 -9.11 -17.27 -22.64
CA SER B 94 -7.89 -16.45 -22.86
C SER B 94 -7.59 -16.30 -24.36
N ARG B 95 -7.21 -15.10 -24.78
CA ARG B 95 -6.75 -14.96 -26.13
C ARG B 95 -5.41 -15.60 -26.38
N LEU B 96 -4.67 -16.08 -25.39
CA LEU B 96 -3.25 -16.49 -25.54
C LEU B 96 -3.06 -17.98 -25.73
N THR B 97 -4.17 -18.74 -25.66
CA THR B 97 -4.02 -20.21 -25.83
C THR B 97 -5.38 -20.74 -26.24
N ARG B 98 -5.42 -21.88 -26.95
CA ARG B 98 -6.68 -22.56 -27.21
C ARG B 98 -7.05 -23.55 -26.10
N HIS B 99 -6.17 -23.71 -25.09
CA HIS B 99 -6.39 -24.73 -24.08
C HIS B 99 -7.29 -24.11 -22.99
N THR B 100 -8.53 -23.85 -23.30
CA THR B 100 -9.39 -23.11 -22.37
C THR B 100 -10.82 -23.61 -22.56
N VAL B 101 -11.72 -23.08 -21.76
CA VAL B 101 -13.17 -23.36 -21.83
C VAL B 101 -13.72 -23.02 -23.23
N ALA B 102 -13.09 -22.13 -24.01
CA ALA B 102 -13.65 -21.82 -25.37
C ALA B 102 -13.50 -23.05 -26.31
N SER B 103 -12.64 -23.99 -26.00
CA SER B 103 -12.48 -25.22 -26.87
C SER B 103 -13.26 -26.40 -26.35
N SER B 104 -13.98 -26.18 -25.23
CA SER B 104 -14.77 -27.22 -24.53
C SER B 104 -16.22 -27.16 -24.95
N PRO B 105 -17.01 -28.24 -24.61
CA PRO B 105 -18.44 -28.16 -24.82
C PRO B 105 -19.23 -27.49 -23.71
N TRP B 106 -18.56 -27.10 -22.61
CA TRP B 106 -19.26 -26.43 -21.54
C TRP B 106 -19.85 -25.14 -22.05
N ARG B 107 -21.13 -24.94 -21.67
CA ARG B 107 -21.89 -23.75 -22.17
C ARG B 107 -21.77 -23.57 -23.70
N GLU B 108 -21.71 -24.68 -24.44
CA GLU B 108 -21.48 -24.68 -25.91
C GLU B 108 -20.30 -23.84 -26.34
N GLY B 109 -19.23 -23.83 -25.51
CA GLY B 109 -17.98 -23.20 -25.85
C GLY B 109 -17.99 -21.68 -25.54
N LYS B 110 -19.11 -21.16 -25.02
CA LYS B 110 -19.30 -19.72 -24.84
C LYS B 110 -19.17 -19.33 -23.34
N GLY B 111 -18.65 -20.25 -22.55
CA GLY B 111 -18.60 -20.10 -21.04
C GLY B 111 -17.39 -19.27 -20.57
N ASP B 112 -17.52 -18.72 -19.36
CA ASP B 112 -16.33 -18.01 -18.78
C ASP B 112 -16.53 -18.19 -17.26
N LEU B 113 -15.87 -19.22 -16.67
CA LEU B 113 -16.12 -19.51 -15.24
C LEU B 113 -15.51 -18.49 -14.32
N VAL B 114 -14.48 -17.81 -14.79
CA VAL B 114 -13.91 -16.70 -13.98
C VAL B 114 -14.95 -15.55 -13.92
N ARG B 115 -15.64 -15.27 -15.01
CA ARG B 115 -16.64 -14.26 -15.01
C ARG B 115 -17.79 -14.71 -14.07
N GLU B 116 -18.23 -15.95 -14.21
CA GLU B 116 -19.37 -16.43 -13.35
C GLU B 116 -19.08 -16.27 -11.84
N VAL B 117 -17.87 -16.76 -11.47
CA VAL B 117 -17.47 -16.81 -10.09
C VAL B 117 -17.24 -15.37 -9.60
N SER B 118 -16.52 -14.55 -10.39
CA SER B 118 -16.25 -13.20 -9.85
C SER B 118 -17.56 -12.35 -9.73
N GLU B 119 -18.50 -12.54 -10.66
CA GLU B 119 -19.76 -11.78 -10.53
C GLU B 119 -20.61 -12.32 -9.38
N SER B 120 -20.68 -13.63 -9.22
CA SER B 120 -21.40 -14.16 -8.07
C SER B 120 -20.76 -13.79 -6.74
N ALA B 121 -19.46 -13.86 -6.67
CA ALA B 121 -18.82 -13.48 -5.45
C ALA B 121 -19.20 -12.02 -5.06
N ARG B 122 -19.17 -11.12 -6.04
CA ARG B 122 -19.51 -9.73 -5.76
C ARG B 122 -21.01 -9.63 -5.23
N ARG B 123 -21.93 -10.33 -5.86
CA ARG B 123 -23.33 -10.27 -5.39
C ARG B 123 -23.48 -10.76 -3.97
N HIS B 124 -22.62 -11.72 -3.57
CA HIS B 124 -22.63 -12.28 -2.22
C HIS B 124 -21.71 -11.64 -1.23
N GLY B 125 -21.08 -10.52 -1.61
CA GLY B 125 -20.24 -9.76 -0.65
C GLY B 125 -18.91 -10.40 -0.32
N LEU B 126 -18.51 -11.26 -1.20
CA LEU B 126 -17.16 -12.00 -1.05
C LEU B 126 -16.13 -11.35 -1.92
N LYS B 127 -14.96 -11.07 -1.38
CA LYS B 127 -13.87 -10.66 -2.25
C LYS B 127 -13.39 -11.82 -3.17
N PHE B 128 -12.72 -11.45 -4.29
CA PHE B 128 -12.38 -12.50 -5.31
C PHE B 128 -10.90 -12.40 -5.55
N GLY B 129 -10.26 -13.59 -5.57
CA GLY B 129 -8.82 -13.65 -5.90
C GLY B 129 -8.57 -14.72 -6.94
N VAL B 130 -7.38 -14.64 -7.52
CA VAL B 130 -7.08 -15.60 -8.64
C VAL B 130 -5.85 -16.39 -8.36
N TYR B 131 -5.87 -17.65 -8.76
CA TYR B 131 -4.75 -18.60 -8.72
C TYR B 131 -4.47 -18.88 -10.17
N LEU B 132 -3.20 -18.71 -10.55
CA LEU B 132 -2.78 -18.85 -11.98
C LEU B 132 -1.42 -19.63 -11.92
N SER B 133 -1.43 -21.00 -12.12
CA SER B 133 -0.27 -21.74 -11.84
C SER B 133 0.96 -21.35 -12.65
N PRO B 134 2.05 -20.97 -12.02
CA PRO B 134 3.30 -20.76 -12.77
C PRO B 134 3.70 -22.07 -13.59
N TRP B 135 3.74 -23.20 -12.91
CA TRP B 135 4.02 -24.44 -13.67
C TRP B 135 2.91 -24.71 -14.64
N ASP B 136 3.25 -25.07 -15.90
CA ASP B 136 2.22 -25.34 -16.85
C ASP B 136 2.62 -26.54 -17.73
N ARG B 137 1.85 -27.59 -17.62
CA ARG B 137 2.18 -28.89 -18.30
C ARG B 137 1.65 -28.97 -19.73
N THR B 138 0.99 -27.93 -20.26
CA THR B 138 0.37 -27.98 -21.61
C THR B 138 1.02 -26.89 -22.48
N GLU B 139 1.12 -25.66 -21.94
CA GLU B 139 1.66 -24.53 -22.80
C GLU B 139 3.01 -24.74 -23.44
N GLU B 140 3.01 -24.57 -24.78
CA GLU B 140 4.25 -25.00 -25.47
C GLU B 140 5.39 -24.08 -25.19
N SER B 141 5.14 -22.81 -24.80
CA SER B 141 6.28 -21.97 -24.44
C SER B 141 6.98 -22.29 -23.08
N TYR B 142 6.28 -23.10 -22.25
CA TYR B 142 6.84 -23.41 -20.94
C TYR B 142 8.23 -24.06 -21.07
N GLY B 143 9.19 -23.52 -20.37
CA GLY B 143 10.59 -24.05 -20.34
C GLY B 143 11.43 -23.34 -21.39
N LYS B 144 10.86 -22.38 -22.11
CA LYS B 144 11.55 -21.60 -23.16
C LYS B 144 12.07 -20.28 -22.67
N GLY B 145 11.74 -19.85 -21.42
CA GLY B 145 12.28 -18.63 -20.80
C GLY B 145 11.32 -17.47 -21.10
N LYS B 146 11.81 -16.42 -21.81
CA LYS B 146 11.00 -15.21 -22.02
C LYS B 146 9.69 -15.47 -22.70
N ALA B 147 9.56 -16.39 -23.68
CA ALA B 147 8.31 -16.63 -24.29
C ALA B 147 7.18 -17.05 -23.29
N TYR B 148 7.57 -17.87 -22.30
CA TYR B 148 6.53 -18.29 -21.29
C TYR B 148 6.28 -17.02 -20.40
N ASP B 149 7.34 -16.27 -20.03
CA ASP B 149 7.09 -15.01 -19.28
C ASP B 149 6.09 -14.14 -20.03
N ASP B 150 6.23 -14.06 -21.40
CA ASP B 150 5.24 -13.24 -22.07
C ASP B 150 3.81 -13.76 -22.00
N PHE B 151 3.68 -15.09 -22.18
CA PHE B 151 2.38 -15.72 -22.03
C PHE B 151 1.78 -15.52 -20.64
N TYR B 152 2.63 -15.72 -19.64
CA TYR B 152 2.16 -15.64 -18.24
C TYR B 152 1.70 -14.20 -17.92
N VAL B 153 2.53 -13.21 -18.31
CA VAL B 153 2.13 -11.85 -18.12
C VAL B 153 0.88 -11.53 -18.88
N GLY B 154 0.70 -12.02 -20.13
CA GLY B 154 -0.53 -11.75 -20.86
C GLY B 154 -1.76 -12.28 -20.21
N GLN B 155 -1.58 -13.52 -19.58
CA GLN B 155 -2.74 -14.04 -18.85
C GLN B 155 -3.00 -13.31 -17.52
N LEU B 156 -1.96 -12.88 -16.83
CA LEU B 156 -2.22 -12.00 -15.67
C LEU B 156 -2.97 -10.74 -16.12
N THR B 157 -2.56 -10.15 -17.27
CA THR B 157 -3.22 -8.92 -17.70
C THR B 157 -4.69 -9.15 -17.97
N GLU B 158 -5.07 -10.30 -18.63
CA GLU B 158 -6.47 -10.59 -18.81
C GLU B 158 -7.20 -10.66 -17.43
N LEU B 159 -6.65 -11.47 -16.52
CA LEU B 159 -7.41 -11.73 -15.23
C LEU B 159 -7.52 -10.47 -14.34
N LEU B 160 -6.50 -9.58 -14.50
CA LEU B 160 -6.44 -8.42 -13.58
C LEU B 160 -7.06 -7.16 -14.15
N THR B 161 -7.55 -7.27 -15.39
CA THR B 161 -8.26 -6.10 -16.00
C THR B 161 -9.72 -6.38 -16.35
N GLN B 162 -10.19 -7.65 -16.36
CA GLN B 162 -11.54 -7.90 -16.90
C GLN B 162 -12.55 -8.39 -15.90
N TYR B 163 -12.14 -8.51 -14.63
CA TYR B 163 -12.95 -9.28 -13.68
C TYR B 163 -13.18 -8.56 -12.35
N GLY B 164 -12.91 -7.27 -12.34
CA GLY B 164 -13.17 -6.40 -11.16
C GLY B 164 -11.98 -6.52 -10.19
N PRO B 165 -12.14 -5.99 -9.00
CA PRO B 165 -11.05 -5.95 -8.01
C PRO B 165 -10.64 -7.33 -7.58
N ILE B 166 -9.33 -7.52 -7.46
CA ILE B 166 -8.71 -8.81 -7.12
C ILE B 166 -8.05 -8.64 -5.77
N PHE B 167 -8.42 -9.44 -4.76
CA PHE B 167 -7.77 -9.21 -3.40
C PHE B 167 -6.46 -9.97 -3.22
N SER B 168 -6.28 -11.06 -3.99
CA SER B 168 -5.07 -11.86 -3.81
C SER B 168 -4.74 -12.50 -5.16
N VAL B 169 -3.45 -12.53 -5.50
CA VAL B 169 -2.96 -13.23 -6.68
C VAL B 169 -2.07 -14.32 -6.11
N TRP B 170 -2.47 -15.59 -6.29
CA TRP B 170 -1.83 -16.65 -5.58
C TRP B 170 -0.98 -17.41 -6.55
N LEU B 171 0.32 -17.39 -6.30
CA LEU B 171 1.40 -17.89 -7.27
C LEU B 171 2.02 -19.10 -6.57
N ASP B 172 1.54 -20.27 -7.00
CA ASP B 172 1.94 -21.51 -6.35
C ASP B 172 3.38 -21.90 -6.79
N GLY B 173 4.16 -22.27 -5.76
CA GLY B 173 5.58 -22.67 -6.13
C GLY B 173 5.66 -24.12 -6.54
N ALA B 174 4.66 -24.92 -6.37
CA ALA B 174 4.80 -26.40 -6.72
C ALA B 174 5.21 -26.61 -8.19
N ASN B 175 6.18 -27.60 -8.34
CA ASN B 175 6.70 -27.85 -9.69
C ASN B 175 7.14 -29.28 -9.69
N GLY B 176 6.47 -30.03 -10.56
CA GLY B 176 6.85 -31.46 -10.68
C GLY B 176 7.65 -31.81 -11.94
N GLU B 177 8.38 -30.89 -12.55
CA GLU B 177 9.25 -31.24 -13.72
C GLU B 177 10.36 -32.17 -13.30
N GLY B 178 11.03 -31.87 -12.20
CA GLY B 178 11.99 -32.79 -11.60
C GLY B 178 13.12 -33.01 -12.49
N LYS B 179 13.67 -34.22 -12.26
CA LYS B 179 14.94 -34.66 -12.76
C LYS B 179 14.87 -34.62 -14.29
N ASN B 180 15.70 -33.77 -14.92
CA ASN B 180 15.73 -33.75 -16.38
C ASN B 180 14.43 -33.33 -16.98
N GLY B 181 13.56 -32.64 -16.22
CA GLY B 181 12.43 -32.09 -16.97
C GLY B 181 12.66 -30.66 -17.44
N LYS B 182 11.59 -29.95 -17.80
CA LYS B 182 11.80 -28.57 -18.28
C LYS B 182 12.23 -27.56 -17.17
N THR B 183 13.03 -26.59 -17.60
CA THR B 183 13.56 -25.58 -16.71
C THR B 183 12.93 -24.25 -17.20
N GLN B 184 12.10 -23.63 -16.36
CA GLN B 184 11.56 -22.28 -16.62
C GLN B 184 12.01 -21.38 -15.49
N TYR B 185 12.91 -20.45 -15.76
CA TYR B 185 13.34 -19.49 -14.78
C TYR B 185 12.37 -18.29 -14.90
N TYR B 186 11.38 -18.24 -14.03
CA TYR B 186 10.39 -17.22 -14.21
C TYR B 186 10.89 -15.85 -13.90
N ASP B 187 10.33 -14.89 -14.64
CA ASP B 187 10.70 -13.47 -14.42
C ASP B 187 9.81 -12.90 -13.28
N TRP B 188 10.07 -13.36 -12.06
CA TRP B 188 9.12 -12.93 -11.00
C TRP B 188 9.01 -11.47 -10.87
N ASP B 189 10.14 -10.79 -10.90
CA ASP B 189 10.12 -9.32 -10.80
C ASP B 189 9.19 -8.69 -11.84
N ARG B 190 9.25 -9.21 -13.05
CA ARG B 190 8.33 -8.68 -14.07
C ARG B 190 6.87 -8.96 -13.77
N TYR B 191 6.64 -10.18 -13.28
CA TYR B 191 5.25 -10.52 -12.90
C TYR B 191 4.73 -9.57 -11.77
N TYR B 192 5.62 -9.32 -10.78
CA TYR B 192 5.15 -8.46 -9.67
C TYR B 192 4.88 -7.02 -10.15
N ASN B 193 5.69 -6.51 -11.12
CA ASN B 193 5.30 -5.16 -11.66
C ASN B 193 3.90 -5.18 -12.36
N VAL B 194 3.55 -6.29 -13.05
CA VAL B 194 2.25 -6.40 -13.68
C VAL B 194 1.14 -6.32 -12.60
N ILE B 195 1.34 -7.13 -11.52
CA ILE B 195 0.26 -7.28 -10.54
C ILE B 195 0.16 -5.94 -9.74
N ARG B 196 1.32 -5.37 -9.38
CA ARG B 196 1.26 -4.06 -8.65
C ARG B 196 0.65 -2.96 -9.50
N SER B 197 0.87 -3.02 -10.82
CA SER B 197 0.43 -1.90 -11.66
C SER B 197 -1.06 -2.06 -11.89
N LEU B 198 -1.53 -3.29 -12.15
CA LEU B 198 -2.94 -3.47 -12.47
C LEU B 198 -3.93 -3.70 -11.30
N GLN B 199 -3.43 -4.31 -10.18
CA GLN B 199 -4.25 -4.47 -8.98
C GLN B 199 -3.33 -4.16 -7.78
N PRO B 200 -2.96 -2.88 -7.63
CA PRO B 200 -2.09 -2.53 -6.50
C PRO B 200 -2.60 -2.92 -5.11
N ASP B 201 -3.92 -3.07 -4.89
CA ASP B 201 -4.34 -3.43 -3.56
C ASP B 201 -4.29 -4.89 -3.34
N ALA B 202 -4.00 -5.70 -4.39
CA ALA B 202 -3.98 -7.14 -4.14
C ALA B 202 -2.75 -7.58 -3.36
N VAL B 203 -2.90 -8.68 -2.56
CA VAL B 203 -1.69 -9.32 -2.01
C VAL B 203 -1.16 -10.36 -2.98
N ILE B 204 0.16 -10.33 -3.22
CA ILE B 204 0.80 -11.33 -4.07
C ILE B 204 1.34 -12.41 -3.05
N SER B 205 0.82 -13.65 -3.25
CA SER B 205 0.97 -14.68 -2.20
C SER B 205 1.80 -15.87 -2.66
N VAL B 206 2.55 -16.41 -1.70
CA VAL B 206 3.31 -17.71 -1.88
C VAL B 206 4.59 -17.31 -2.59
N CYS B 207 4.59 -17.38 -3.92
CA CYS B 207 5.82 -16.91 -4.63
C CYS B 207 5.68 -15.42 -4.89
N GLY B 208 5.57 -14.68 -3.81
CA GLY B 208 5.31 -13.23 -3.89
C GLY B 208 5.63 -12.65 -2.54
N PRO B 209 5.74 -11.30 -2.47
CA PRO B 209 6.28 -10.66 -1.26
C PRO B 209 5.24 -10.38 -0.15
N ASP B 210 3.96 -10.47 -0.46
CA ASP B 210 2.97 -10.00 0.55
C ASP B 210 2.56 -11.03 1.55
N VAL B 211 2.36 -12.28 1.11
CA VAL B 211 1.77 -13.28 2.03
C VAL B 211 2.60 -14.54 1.89
N ARG B 212 2.99 -15.13 3.03
CA ARG B 212 3.87 -16.27 3.03
C ARG B 212 3.10 -17.57 3.22
N TRP B 213 3.37 -18.55 2.36
CA TRP B 213 2.90 -19.89 2.55
C TRP B 213 3.45 -20.44 3.88
N ALA B 214 2.52 -20.94 4.77
CA ALA B 214 2.96 -21.32 6.09
C ALA B 214 3.97 -22.52 6.04
N GLY B 215 3.96 -23.31 4.96
CA GLY B 215 5.04 -24.35 4.89
C GLY B 215 4.53 -25.74 4.98
N ASN B 216 3.23 -25.95 5.06
CA ASN B 216 2.62 -27.28 4.93
C ASN B 216 1.23 -27.05 4.42
N GLU B 217 0.65 -28.18 3.95
CA GLU B 217 -0.74 -28.10 3.41
C GLU B 217 -1.70 -29.01 4.21
N ALA B 218 -1.38 -29.30 5.47
CA ALA B 218 -2.15 -30.18 6.28
C ALA B 218 -2.90 -29.38 7.34
N GLY B 219 -2.79 -28.07 7.35
CA GLY B 219 -3.54 -27.31 8.41
C GLY B 219 -2.68 -27.20 9.67
N HIS B 220 -1.39 -27.59 9.64
CA HIS B 220 -0.61 -27.45 10.84
C HIS B 220 -0.27 -25.99 11.09
N VAL B 221 -0.35 -25.57 12.36
CA VAL B 221 -0.05 -24.22 12.82
C VAL B 221 1.13 -24.23 13.74
N ARG B 222 2.08 -23.29 13.55
CA ARG B 222 3.29 -23.25 14.41
C ARG B 222 2.85 -22.91 15.87
N ASP B 223 3.65 -23.43 16.80
CA ASP B 223 3.49 -22.91 18.18
C ASP B 223 3.82 -21.43 18.22
N ASN B 224 4.87 -20.94 17.51
CA ASN B 224 5.20 -19.49 17.51
C ASN B 224 5.17 -19.11 16.02
N GLU B 225 4.31 -18.14 15.69
CA GLU B 225 4.29 -17.67 14.27
C GLU B 225 4.60 -16.20 14.28
N TRP B 226 5.80 -15.88 13.74
CA TRP B 226 6.26 -14.50 13.61
C TRP B 226 5.90 -13.99 12.24
N SER B 227 5.26 -12.83 12.18
CA SER B 227 5.05 -12.13 10.88
C SER B 227 6.31 -11.34 10.50
N VAL B 228 7.29 -11.18 11.43
CA VAL B 228 8.53 -10.44 11.13
C VAL B 228 9.57 -11.55 10.96
N VAL B 229 10.09 -11.68 9.73
CA VAL B 229 10.99 -12.83 9.35
C VAL B 229 12.03 -12.31 8.41
N PRO B 230 13.09 -13.12 8.24
CA PRO B 230 14.14 -12.71 7.27
C PRO B 230 13.52 -12.48 5.87
N ARG B 231 13.96 -11.39 5.24
CA ARG B 231 13.45 -11.05 3.90
C ARG B 231 13.70 -12.13 2.84
N ARG B 232 14.82 -12.90 3.00
CA ARG B 232 15.03 -14.01 2.10
C ARG B 232 13.85 -14.99 1.97
N LEU B 233 12.94 -15.07 2.98
CA LEU B 233 11.87 -16.05 2.85
C LEU B 233 10.92 -15.67 1.72
N ARG B 234 10.91 -14.34 1.32
CA ARG B 234 10.07 -14.00 0.14
C ARG B 234 10.54 -14.67 -1.18
N SER B 235 11.77 -15.17 -1.16
CA SER B 235 12.26 -15.92 -2.34
C SER B 235 12.20 -17.47 -2.20
N ALA B 236 11.72 -17.99 -1.04
CA ALA B 236 11.92 -19.40 -0.75
C ALA B 236 11.26 -20.36 -1.65
N GLU B 237 10.15 -20.02 -2.29
CA GLU B 237 9.41 -20.93 -3.19
C GLU B 237 9.68 -20.65 -4.71
N LEU B 238 10.56 -19.70 -4.98
CA LEU B 238 10.68 -19.08 -6.31
C LEU B 238 11.52 -19.96 -7.25
N THR B 239 12.35 -20.84 -6.70
CA THR B 239 13.23 -21.64 -7.69
C THR B 239 13.28 -23.10 -7.27
N THR B 253 23.31 -21.97 5.39
CA THR B 253 22.42 -23.17 5.28
C THR B 253 21.00 -22.63 5.01
N THR B 254 20.24 -23.42 4.23
CA THR B 254 19.03 -22.87 3.60
C THR B 254 18.02 -22.56 4.69
N VAL B 255 17.28 -21.50 4.50
CA VAL B 255 16.11 -21.15 5.34
C VAL B 255 14.95 -21.50 4.47
N SER B 256 14.02 -22.36 4.94
CA SER B 256 12.96 -22.87 4.11
C SER B 256 11.62 -22.46 4.77
N SER B 257 10.58 -22.34 3.96
CA SER B 257 9.24 -22.04 4.46
C SER B 257 8.76 -23.04 5.49
N GLN B 258 9.21 -24.32 5.39
CA GLN B 258 8.78 -25.41 6.32
C GLN B 258 9.48 -25.36 7.71
N ASP B 259 10.48 -24.52 7.88
CA ASP B 259 11.30 -24.49 9.13
C ASP B 259 10.32 -24.17 10.27
N ASP B 260 10.47 -24.80 11.43
CA ASP B 260 9.55 -24.48 12.55
C ASP B 260 9.85 -23.03 13.09
N ASP B 261 11.15 -22.73 13.27
CA ASP B 261 11.55 -21.48 13.71
C ASP B 261 12.10 -20.55 12.61
N LEU B 262 11.31 -19.55 12.21
CA LEU B 262 11.76 -18.59 11.23
C LEU B 262 12.11 -17.26 11.83
N GLY B 263 11.48 -16.87 12.94
CA GLY B 263 11.58 -15.47 13.42
C GLY B 263 12.01 -15.27 14.89
N SER B 264 12.45 -16.33 15.58
CA SER B 264 13.02 -16.03 16.94
C SER B 264 14.09 -14.98 16.90
N ARG B 265 14.38 -14.42 18.07
CA ARG B 265 15.54 -13.57 18.19
C ARG B 265 16.78 -14.33 17.71
N GLU B 266 16.90 -15.59 18.08
CA GLU B 266 18.13 -16.36 17.69
C GLU B 266 18.18 -16.46 16.16
N ALA B 267 17.05 -16.76 15.51
CA ALA B 267 17.04 -16.95 14.07
C ALA B 267 17.26 -15.65 13.33
N VAL B 268 16.82 -14.50 13.85
CA VAL B 268 16.82 -13.28 13.01
C VAL B 268 17.96 -12.33 13.37
N ALA B 269 18.56 -12.53 14.55
CA ALA B 269 19.50 -11.49 14.97
C ALA B 269 20.59 -11.18 13.91
N GLY B 270 21.14 -12.19 13.22
CA GLY B 270 22.20 -11.87 12.33
C GLY B 270 21.80 -11.23 10.99
N TYR B 271 20.50 -11.16 10.75
CA TYR B 271 20.05 -10.43 9.57
C TYR B 271 19.91 -8.93 9.76
N GLY B 272 19.89 -8.37 10.99
CA GLY B 272 19.70 -6.93 11.27
C GLY B 272 18.44 -6.42 10.55
N ASP B 273 18.65 -5.49 9.63
CA ASP B 273 17.46 -4.83 9.04
C ASP B 273 17.01 -5.70 7.84
N ASN B 274 17.70 -6.77 7.44
CA ASN B 274 17.25 -7.57 6.27
C ASN B 274 16.15 -8.53 6.72
N VAL B 275 15.10 -7.92 7.28
CA VAL B 275 13.91 -8.66 7.84
C VAL B 275 12.72 -7.81 7.32
N CYS B 276 11.51 -8.39 7.30
CA CYS B 276 10.37 -7.70 6.74
C CYS B 276 9.06 -8.30 7.30
N TRP B 277 7.94 -7.67 6.95
CA TRP B 277 6.61 -8.20 7.39
C TRP B 277 6.15 -9.15 6.30
N TYR B 278 5.99 -10.41 6.67
CA TYR B 278 5.62 -11.43 5.70
C TYR B 278 4.87 -12.50 6.45
N PRO B 279 3.55 -12.27 6.59
CA PRO B 279 2.71 -13.09 7.49
C PRO B 279 2.20 -14.37 6.88
N ALA B 280 1.98 -15.38 7.75
CA ALA B 280 1.66 -16.71 7.28
C ALA B 280 0.22 -16.88 6.85
N GLU B 281 0.08 -17.73 5.85
CA GLU B 281 -1.25 -18.21 5.39
C GLU B 281 -1.24 -19.74 5.37
N VAL B 282 -2.11 -20.30 6.20
CA VAL B 282 -2.22 -21.77 6.36
C VAL B 282 -3.29 -22.25 5.35
N ASP B 283 -2.87 -22.96 4.28
CA ASP B 283 -3.86 -23.40 3.25
C ASP B 283 -4.08 -24.90 3.40
N THR B 284 -5.32 -25.32 3.32
CA THR B 284 -5.59 -26.77 3.47
C THR B 284 -6.94 -27.03 2.85
N SER B 285 -7.23 -28.31 2.58
CA SER B 285 -8.52 -28.67 2.01
C SER B 285 -9.45 -29.41 3.02
N ILE B 286 -10.75 -29.21 2.77
CA ILE B 286 -11.81 -29.89 3.51
C ILE B 286 -11.80 -31.39 3.23
N ARG B 287 -11.10 -31.84 2.16
CA ARG B 287 -11.03 -33.25 1.80
C ARG B 287 -9.54 -33.57 1.68
N PRO B 288 -9.19 -34.87 1.53
CA PRO B 288 -7.81 -35.25 1.37
C PRO B 288 -7.21 -34.64 0.12
N GLY B 289 -8.01 -34.56 -0.91
CA GLY B 289 -7.59 -33.89 -2.21
C GLY B 289 -8.05 -32.42 -2.25
N TRP B 290 -7.40 -31.70 -3.14
CA TRP B 290 -7.87 -30.36 -3.46
C TRP B 290 -8.97 -30.32 -4.42
N PHE B 291 -8.92 -31.20 -5.44
CA PHE B 291 -10.02 -31.24 -6.37
C PHE B 291 -11.15 -32.21 -5.88
N TYR B 292 -12.31 -32.12 -6.52
CA TYR B 292 -13.41 -32.98 -6.03
C TYR B 292 -13.19 -34.45 -6.51
N HIS B 293 -13.37 -35.36 -5.54
CA HIS B 293 -13.35 -36.83 -5.92
C HIS B 293 -14.55 -37.34 -5.18
N GLN B 294 -15.44 -38.03 -5.94
CA GLN B 294 -16.61 -38.61 -5.22
C GLN B 294 -16.24 -39.63 -4.17
N SER B 295 -15.10 -40.31 -4.40
CA SER B 295 -14.55 -41.24 -3.42
C SER B 295 -14.20 -40.67 -2.06
N GLU B 296 -14.08 -39.33 -2.01
CA GLU B 296 -13.74 -38.68 -0.80
C GLU B 296 -14.96 -38.05 -0.09
N ASP B 297 -16.18 -38.31 -0.62
CA ASP B 297 -17.38 -37.71 0.07
C ASP B 297 -17.59 -38.25 1.47
N ASP B 298 -16.98 -39.36 1.85
CA ASP B 298 -16.98 -39.77 3.23
C ASP B 298 -15.74 -39.44 4.04
N LYS B 299 -14.94 -38.48 3.47
CA LYS B 299 -13.72 -38.02 4.10
C LYS B 299 -13.72 -36.46 4.13
N VAL B 300 -14.90 -35.89 4.32
CA VAL B 300 -15.04 -34.41 4.38
C VAL B 300 -14.94 -34.02 5.85
N MET B 301 -14.05 -33.06 6.16
CA MET B 301 -13.87 -32.58 7.54
C MET B 301 -15.22 -32.09 8.08
N SER B 302 -15.47 -32.46 9.35
CA SER B 302 -16.76 -32.05 9.96
C SER B 302 -16.73 -30.62 10.37
N ALA B 303 -17.91 -30.06 10.71
CA ALA B 303 -17.94 -28.70 11.23
C ALA B 303 -17.07 -28.52 12.47
N ASP B 304 -17.09 -29.52 13.40
CA ASP B 304 -16.26 -29.40 14.61
C ASP B 304 -14.76 -29.48 14.23
N GLN B 305 -14.38 -30.35 13.27
CA GLN B 305 -12.95 -30.29 12.91
C GLN B 305 -12.56 -28.97 12.24
N LEU B 306 -13.43 -28.46 11.41
CA LEU B 306 -13.11 -27.14 10.76
C LEU B 306 -13.03 -26.08 11.83
N PHE B 307 -13.95 -26.09 12.84
CA PHE B 307 -13.84 -25.06 13.83
C PHE B 307 -12.57 -25.19 14.68
N ASP B 308 -12.12 -26.42 15.01
CA ASP B 308 -10.86 -26.57 15.74
C ASP B 308 -9.71 -26.00 14.85
N LEU B 309 -9.80 -26.21 13.52
CA LEU B 309 -8.78 -25.64 12.64
C LEU B 309 -8.84 -24.13 12.62
N TRP B 310 -10.06 -23.57 12.55
CA TRP B 310 -10.19 -22.10 12.55
C TRP B 310 -9.63 -21.54 13.90
N LEU B 311 -9.93 -22.18 15.05
CA LEU B 311 -9.43 -21.68 16.34
C LEU B 311 -7.87 -21.77 16.36
N SER B 312 -7.33 -22.86 15.77
CA SER B 312 -5.93 -23.01 15.80
C SER B 312 -5.21 -21.93 14.93
N ALA B 313 -5.76 -21.71 13.74
CA ALA B 313 -5.04 -20.82 12.76
C ALA B 313 -5.34 -19.34 13.06
N VAL B 314 -6.66 -18.99 13.13
CA VAL B 314 -7.05 -17.61 13.31
C VAL B 314 -6.76 -17.21 14.85
N GLY B 315 -6.58 -18.21 15.72
CA GLY B 315 -6.01 -17.96 17.07
C GLY B 315 -4.52 -18.28 17.20
N GLY B 316 -3.84 -18.26 16.02
CA GLY B 316 -2.40 -18.63 15.96
C GLY B 316 -1.71 -17.74 14.90
N ASN B 317 -2.12 -16.47 14.83
CA ASN B 317 -1.45 -15.53 13.92
C ASN B 317 -1.27 -16.02 12.48
N SER B 318 -2.23 -16.77 12.01
CA SER B 318 -2.16 -17.38 10.67
C SER B 318 -3.46 -17.16 9.97
N SER B 319 -3.48 -16.62 8.75
CA SER B 319 -4.72 -16.60 8.02
C SER B 319 -5.07 -18.03 7.55
N LEU B 320 -6.40 -18.29 7.36
CA LEU B 320 -6.81 -19.67 7.03
C LEU B 320 -7.44 -19.57 5.61
N LEU B 321 -6.85 -20.36 4.68
CA LEU B 321 -7.36 -20.46 3.33
C LEU B 321 -7.85 -21.90 3.16
N LEU B 322 -9.19 -22.05 3.21
CA LEU B 322 -9.80 -23.42 3.23
C LEU B 322 -10.37 -23.70 1.87
N ASN B 323 -9.89 -24.81 1.26
CA ASN B 323 -10.48 -25.22 -0.01
C ASN B 323 -11.72 -26.14 0.04
N ILE B 324 -12.72 -25.81 -0.74
CA ILE B 324 -13.89 -26.69 -0.89
C ILE B 324 -14.12 -26.82 -2.37
N PRO B 325 -13.99 -28.06 -2.93
CA PRO B 325 -14.04 -28.17 -4.43
C PRO B 325 -15.40 -28.51 -4.98
N PRO B 326 -15.87 -27.79 -5.95
CA PRO B 326 -17.17 -28.19 -6.62
C PRO B 326 -17.00 -29.48 -7.44
N SER B 327 -18.12 -30.20 -7.54
CA SER B 327 -18.06 -31.54 -8.22
C SER B 327 -18.28 -31.40 -9.72
N PRO B 328 -18.16 -32.56 -10.42
CA PRO B 328 -18.43 -32.47 -11.87
C PRO B 328 -19.96 -32.33 -12.11
N GLU B 329 -20.79 -32.46 -11.06
CA GLU B 329 -22.23 -32.19 -11.14
C GLU B 329 -22.54 -30.79 -10.75
N GLY B 330 -21.48 -29.94 -10.72
CA GLY B 330 -21.68 -28.45 -10.72
C GLY B 330 -21.88 -27.81 -9.33
N LEU B 331 -21.75 -28.56 -8.23
CA LEU B 331 -22.15 -28.06 -6.88
C LEU B 331 -21.09 -28.35 -5.91
N LEU B 332 -21.05 -27.60 -4.81
CA LEU B 332 -20.49 -28.09 -3.61
C LEU B 332 -21.38 -29.21 -2.99
N ALA B 333 -20.73 -30.28 -2.61
CA ALA B 333 -21.44 -31.52 -2.26
C ALA B 333 -22.11 -31.30 -0.89
N GLU B 334 -23.12 -32.10 -0.66
CA GLU B 334 -23.93 -31.91 0.64
C GLU B 334 -23.12 -32.03 1.92
N PRO B 335 -22.16 -33.00 2.09
CA PRO B 335 -21.37 -33.01 3.37
C PRO B 335 -20.57 -31.68 3.52
N ASP B 336 -19.97 -31.25 2.43
CA ASP B 336 -19.16 -29.99 2.52
C ASP B 336 -20.06 -28.86 2.94
N VAL B 337 -21.24 -28.77 2.33
CA VAL B 337 -22.15 -27.59 2.64
C VAL B 337 -22.52 -27.68 4.14
N GLN B 338 -22.87 -28.88 4.64
CA GLN B 338 -23.19 -28.98 6.06
C GLN B 338 -22.04 -28.57 6.96
N SER B 339 -20.81 -28.95 6.56
CA SER B 339 -19.66 -28.61 7.43
C SER B 339 -19.42 -27.12 7.38
N LEU B 340 -19.58 -26.52 6.21
CA LEU B 340 -19.44 -25.03 6.09
C LEU B 340 -20.48 -24.33 6.97
N LYS B 341 -21.69 -24.81 6.91
CA LYS B 341 -22.80 -24.11 7.65
C LYS B 341 -22.46 -24.21 9.13
N GLY B 342 -22.03 -25.38 9.56
CA GLY B 342 -21.70 -25.61 10.96
C GLY B 342 -20.55 -24.76 11.41
N LEU B 343 -19.53 -24.66 10.52
CA LEU B 343 -18.39 -23.83 10.87
C LEU B 343 -18.81 -22.38 11.04
N GLY B 344 -19.61 -21.88 10.11
CA GLY B 344 -20.02 -20.43 10.23
C GLY B 344 -20.85 -20.18 11.49
N ARG B 345 -21.66 -21.18 11.86
CA ARG B 345 -22.46 -20.99 13.11
C ARG B 345 -21.54 -21.00 14.30
N ARG B 346 -20.56 -21.95 14.35
CA ARG B 346 -19.62 -21.94 15.52
C ARG B 346 -18.82 -20.64 15.62
N VAL B 347 -18.38 -20.14 14.44
CA VAL B 347 -17.54 -18.92 14.48
C VAL B 347 -18.43 -17.73 14.88
N SER B 348 -19.64 -17.66 14.33
CA SER B 348 -20.61 -16.54 14.66
C SER B 348 -20.89 -16.56 16.17
N GLU B 349 -21.17 -17.74 16.74
CA GLU B 349 -21.39 -17.86 18.21
C GLU B 349 -20.15 -17.44 19.04
N PHE B 350 -18.97 -17.87 18.60
CA PHE B 350 -17.75 -17.48 19.28
C PHE B 350 -17.55 -15.95 19.20
N ARG B 351 -17.69 -15.36 18.01
CA ARG B 351 -17.51 -13.92 17.91
C ARG B 351 -18.58 -13.18 18.79
N GLU B 352 -19.83 -13.67 18.86
CA GLU B 352 -20.82 -13.00 19.75
C GLU B 352 -20.44 -13.16 21.21
N ALA B 353 -19.95 -14.34 21.60
CA ALA B 353 -19.46 -14.58 22.98
C ALA B 353 -18.34 -13.60 23.31
N LEU B 354 -17.41 -13.37 22.38
CA LEU B 354 -16.27 -12.45 22.55
C LEU B 354 -16.70 -11.00 22.74
N ALA B 355 -17.64 -10.59 21.88
CA ALA B 355 -18.14 -9.22 21.77
C ALA B 355 -18.92 -8.93 23.04
N SER B 356 -19.59 -9.93 23.60
CA SER B 356 -20.57 -9.62 24.70
C SER B 356 -20.05 -9.96 26.11
N VAL B 357 -18.82 -10.47 26.18
CA VAL B 357 -18.29 -10.97 27.45
C VAL B 357 -18.00 -9.72 28.31
N ARG B 358 -18.42 -9.72 29.57
CA ARG B 358 -18.14 -8.56 30.41
C ARG B 358 -17.20 -8.91 31.54
N CYS B 359 -16.31 -8.00 31.74
CA CYS B 359 -15.30 -8.15 32.77
C CYS B 359 -14.65 -6.78 32.97
N GLU B 360 -14.08 -6.61 34.15
CA GLU B 360 -13.31 -5.45 34.50
C GLU B 360 -11.85 -5.79 34.20
N ALA B 361 -11.24 -4.92 33.47
CA ALA B 361 -9.83 -5.03 33.11
C ALA B 361 -9.02 -4.10 34.00
N ARG B 362 -8.01 -4.62 34.68
CA ARG B 362 -7.10 -3.82 35.40
C ARG B 362 -5.68 -4.16 34.92
N THR B 363 -4.79 -3.23 34.99
CA THR B 363 -3.43 -3.37 34.48
C THR B 363 -2.34 -3.07 35.41
N SER B 364 -1.18 -3.66 35.17
CA SER B 364 0.01 -3.35 36.02
C SER B 364 0.55 -1.91 35.98
N SER B 365 0.41 -1.24 34.84
CA SER B 365 0.79 0.18 34.69
C SER B 365 -0.17 0.73 33.60
N ALA B 366 -0.12 2.04 33.45
CA ALA B 366 -0.91 2.74 32.43
C ALA B 366 -2.39 2.39 32.52
N SER B 367 -2.98 2.50 33.74
CA SER B 367 -4.37 2.20 33.91
C SER B 367 -5.33 3.02 33.09
N ALA B 368 -4.88 4.20 32.73
CA ALA B 368 -5.75 5.08 31.90
C ALA B 368 -6.11 4.43 30.59
N ALA B 369 -5.28 3.44 30.16
CA ALA B 369 -5.51 2.72 28.84
C ALA B 369 -6.10 1.33 29.03
N ALA B 370 -6.29 0.88 30.27
CA ALA B 370 -6.96 -0.41 30.52
C ALA B 370 -8.25 -0.69 29.78
N ALA B 371 -9.12 0.33 29.63
CA ALA B 371 -10.34 0.17 28.99
C ALA B 371 -10.19 -0.16 27.50
N HIS B 372 -9.04 0.19 26.94
CA HIS B 372 -8.84 -0.14 25.48
C HIS B 372 -8.71 -1.65 25.31
N LEU B 373 -8.51 -2.43 26.38
CA LEU B 373 -8.47 -3.90 26.21
C LEU B 373 -9.80 -4.55 25.99
N VAL B 374 -10.94 -3.86 26.43
CA VAL B 374 -12.23 -4.49 26.56
C VAL B 374 -13.30 -3.62 25.87
N ASP B 375 -12.86 -2.73 25.01
CA ASP B 375 -13.79 -1.79 24.25
C ASP B 375 -14.28 -2.32 22.87
N GLY B 376 -13.79 -3.47 22.47
CA GLY B 376 -14.24 -3.98 21.17
C GLY B 376 -13.56 -3.27 20.03
N ASN B 377 -12.66 -2.37 20.29
CA ASN B 377 -12.14 -1.48 19.22
C ASN B 377 -10.67 -1.92 18.89
N ARG B 378 -10.51 -2.41 17.66
CA ARG B 378 -9.19 -2.94 17.25
C ARG B 378 -8.21 -1.81 17.06
N ASP B 379 -8.66 -0.53 17.07
CA ASP B 379 -7.69 0.54 16.93
C ASP B 379 -7.28 1.24 18.23
N THR B 380 -7.75 0.71 19.36
CA THR B 380 -7.28 1.21 20.62
C THR B 380 -6.51 0.07 21.31
N PHE B 381 -5.47 0.48 22.02
CA PHE B 381 -4.72 -0.50 22.80
C PHE B 381 -4.16 -0.01 24.09
N TRP B 382 -3.78 -1.00 24.91
CA TRP B 382 -3.02 -0.75 26.18
C TRP B 382 -1.59 -1.11 25.96
N ARG B 383 -0.72 -0.24 26.45
CA ARG B 383 0.75 -0.42 26.36
C ARG B 383 1.29 -0.14 27.76
N PRO B 384 2.03 -1.08 28.35
CA PRO B 384 2.53 -0.82 29.74
C PRO B 384 3.59 0.27 29.66
N ASP B 385 3.81 0.98 30.78
CA ASP B 385 4.98 1.82 30.81
C ASP B 385 6.30 1.15 30.49
N ALA B 386 7.28 1.89 29.92
CA ALA B 386 8.53 1.21 29.51
C ALA B 386 9.28 0.65 30.71
N ASP B 387 9.10 1.23 31.89
CA ASP B 387 9.73 0.69 33.10
C ASP B 387 8.82 -0.21 33.95
N ASP B 388 7.70 -0.72 33.37
CA ASP B 388 6.89 -1.67 34.12
C ASP B 388 7.62 -3.01 33.89
N ALA B 389 8.17 -3.58 35.00
CA ALA B 389 9.04 -4.74 34.82
C ALA B 389 8.20 -6.07 34.77
N ALA B 390 6.90 -5.98 34.94
CA ALA B 390 6.09 -7.23 34.97
C ALA B 390 4.74 -6.93 34.41
N PRO B 391 4.70 -6.65 33.05
CA PRO B 391 3.39 -6.27 32.48
C PRO B 391 2.32 -7.31 32.71
N ALA B 392 1.12 -6.93 33.12
CA ALA B 392 0.07 -7.89 33.34
C ALA B 392 -1.28 -7.24 33.27
N ILE B 393 -2.23 -8.04 32.92
CA ILE B 393 -3.61 -7.64 32.77
C ILE B 393 -4.38 -8.59 33.67
N THR B 394 -5.25 -8.04 34.56
CA THR B 394 -6.18 -8.94 35.21
C THR B 394 -7.56 -8.67 34.73
N LEU B 395 -8.27 -9.72 34.34
CA LEU B 395 -9.69 -9.65 33.91
C LEU B 395 -10.55 -10.29 35.00
N THR B 396 -11.38 -9.45 35.65
CA THR B 396 -12.25 -10.02 36.70
C THR B 396 -13.68 -10.23 36.23
N LEU B 397 -14.19 -11.48 36.37
CA LEU B 397 -15.49 -11.85 35.85
C LEU B 397 -16.58 -11.36 36.93
N PRO B 398 -17.81 -11.16 36.46
CA PRO B 398 -18.90 -10.67 37.32
C PRO B 398 -19.30 -11.69 38.41
N GLN B 399 -19.08 -12.97 38.18
CA GLN B 399 -19.32 -14.02 39.15
C GLN B 399 -18.45 -15.24 38.77
N PRO B 400 -18.25 -16.27 39.64
CA PRO B 400 -17.52 -17.44 39.17
C PRO B 400 -18.06 -17.88 37.79
N THR B 401 -17.17 -18.10 36.83
CA THR B 401 -17.67 -18.49 35.48
C THR B 401 -16.74 -19.51 34.82
N THR B 402 -17.33 -20.47 34.11
CA THR B 402 -16.57 -21.55 33.56
C THR B 402 -16.01 -20.99 32.21
N ILE B 403 -14.69 -21.08 32.10
CA ILE B 403 -14.05 -20.58 30.84
C ILE B 403 -13.12 -21.68 30.32
N ASN B 404 -12.73 -21.59 29.00
CA ASN B 404 -11.75 -22.57 28.55
C ASN B 404 -10.81 -21.96 27.44
N ALA B 405 -10.78 -20.64 27.41
CA ALA B 405 -9.78 -19.97 26.55
C ALA B 405 -9.56 -18.53 26.97
N ILE B 406 -8.40 -17.99 26.58
CA ILE B 406 -8.26 -16.53 26.62
C ILE B 406 -7.94 -16.12 25.19
N VAL B 407 -8.31 -14.90 24.89
CA VAL B 407 -8.09 -14.33 23.55
C VAL B 407 -7.31 -13.05 23.78
N ILE B 408 -6.19 -12.88 23.06
CA ILE B 408 -5.39 -11.66 23.16
C ILE B 408 -4.99 -11.27 21.80
N GLU B 409 -5.05 -9.99 21.51
CA GLU B 409 -4.75 -9.47 20.13
C GLU B 409 -3.78 -8.31 20.27
N GLU B 410 -2.69 -8.29 19.43
CA GLU B 410 -1.77 -7.16 19.42
C GLU B 410 -2.29 -6.15 18.39
N ALA B 411 -1.94 -4.88 18.61
CA ALA B 411 -2.37 -3.84 17.62
C ALA B 411 -1.28 -3.88 16.49
N ILE B 412 -1.46 -4.87 15.58
CA ILE B 412 -0.33 -5.21 14.68
C ILE B 412 -0.07 -4.12 13.61
N GLU B 413 -0.93 -3.13 13.47
CA GLU B 413 -0.54 -1.97 12.63
C GLU B 413 0.78 -1.41 13.10
N HIS B 414 1.08 -1.53 14.41
CA HIS B 414 2.32 -1.01 14.94
C HIS B 414 3.44 -2.03 15.14
N GLY B 415 3.26 -3.29 14.69
CA GLY B 415 4.35 -4.27 14.87
C GLY B 415 3.87 -5.51 15.62
N GLN B 416 4.81 -6.43 15.72
CA GLN B 416 4.51 -7.65 16.51
C GLN B 416 5.64 -7.73 17.54
N ARG B 417 5.24 -7.82 18.79
CA ARG B 417 6.19 -7.68 19.90
C ARG B 417 6.16 -8.81 20.93
N ILE B 418 4.97 -9.38 21.24
CA ILE B 418 4.91 -10.34 22.38
C ILE B 418 5.74 -11.56 22.09
N GLU B 419 6.49 -12.03 23.10
CA GLU B 419 7.31 -13.25 22.98
C GLU B 419 6.92 -14.33 24.00
N HIS B 420 6.27 -13.94 25.11
CA HIS B 420 5.79 -15.00 26.00
C HIS B 420 4.65 -14.42 26.84
N LEU B 421 3.71 -15.28 27.08
CA LEU B 421 2.55 -14.96 27.92
C LEU B 421 2.32 -16.16 28.84
N ARG B 422 2.08 -15.90 30.14
CA ARG B 422 1.62 -16.99 31.04
C ARG B 422 0.22 -16.58 31.57
N VAL B 423 -0.72 -17.48 31.57
CA VAL B 423 -2.05 -17.17 31.99
C VAL B 423 -2.28 -17.89 33.34
N THR B 424 -2.65 -17.12 34.35
CA THR B 424 -3.06 -17.77 35.60
C THR B 424 -4.56 -17.50 35.82
N GLY B 425 -5.17 -18.37 36.63
CA GLY B 425 -6.57 -18.20 36.96
C GLY B 425 -6.74 -18.16 38.49
N ALA B 426 -7.59 -17.29 39.00
CA ALA B 426 -7.90 -17.30 40.47
C ALA B 426 -9.27 -17.98 40.60
N LEU B 427 -9.33 -18.99 41.43
CA LEU B 427 -10.51 -19.85 41.49
C LEU B 427 -11.40 -19.22 42.61
N PRO B 428 -12.61 -19.75 42.73
CA PRO B 428 -13.50 -19.02 43.66
C PRO B 428 -13.11 -19.13 45.12
N ASP B 429 -12.31 -20.11 45.46
CA ASP B 429 -11.76 -20.14 46.82
C ASP B 429 -10.56 -19.22 47.06
N GLY B 430 -10.17 -18.46 46.04
CA GLY B 430 -9.03 -17.57 46.14
C GLY B 430 -7.66 -18.19 45.90
N THR B 431 -7.64 -19.50 45.59
CA THR B 431 -6.36 -20.11 45.17
C THR B 431 -6.18 -19.85 43.69
N GLU B 432 -5.00 -20.22 43.22
CA GLU B 432 -4.62 -19.83 41.80
C GLU B 432 -4.08 -21.11 41.14
N ARG B 433 -4.16 -21.10 39.78
CA ARG B 433 -3.56 -22.21 38.95
C ARG B 433 -2.97 -21.51 37.73
N VAL B 434 -2.01 -22.21 37.12
CA VAL B 434 -1.51 -21.69 35.77
C VAL B 434 -2.45 -22.42 34.81
N LEU B 435 -3.12 -21.67 33.89
CA LEU B 435 -4.05 -22.19 32.94
C LEU B 435 -3.36 -22.54 31.61
N GLY B 436 -2.33 -21.79 31.31
CA GLY B 436 -1.62 -22.11 30.05
C GLY B 436 -0.62 -21.04 29.73
N GLN B 437 0.16 -21.26 28.64
CA GLN B 437 1.23 -20.37 28.34
C GLN B 437 1.26 -20.34 26.76
N ALA B 438 1.79 -19.24 26.22
CA ALA B 438 2.02 -19.19 24.71
C ALA B 438 3.21 -18.28 24.49
N GLY B 439 3.73 -18.34 23.25
CA GLY B 439 4.84 -17.49 22.85
C GLY B 439 4.30 -16.22 22.13
N THR B 440 4.19 -16.33 20.80
CA THR B 440 3.77 -15.21 19.99
C THR B 440 2.24 -14.96 20.17
N VAL B 441 1.86 -13.69 19.93
CA VAL B 441 0.44 -13.35 19.80
C VAL B 441 0.09 -12.82 18.40
N GLY B 442 0.67 -11.66 18.06
CA GLY B 442 0.41 -11.14 16.66
C GLY B 442 -1.11 -10.81 16.51
N TYR B 443 -1.70 -11.11 15.37
CA TYR B 443 -3.07 -10.69 15.10
C TYR B 443 -4.02 -11.24 16.15
N ARG B 444 -3.86 -12.49 16.50
CA ARG B 444 -4.75 -13.04 17.58
C ARG B 444 -4.17 -14.35 18.08
N ARG B 445 -4.05 -14.48 19.43
CA ARG B 445 -3.80 -15.78 20.10
C ARG B 445 -5.13 -16.18 20.79
N ILE B 446 -5.56 -17.40 20.48
CA ILE B 446 -6.69 -18.04 21.26
C ILE B 446 -6.00 -19.18 21.97
N LEU B 447 -5.84 -19.03 23.31
CA LEU B 447 -5.05 -20.02 24.11
C LEU B 447 -6.14 -20.85 24.76
N ARG B 448 -6.20 -22.11 24.42
CA ARG B 448 -7.29 -22.96 24.89
C ARG B 448 -6.71 -23.90 26.00
N PHE B 449 -7.68 -24.27 26.84
CA PHE B 449 -7.32 -25.15 28.03
C PHE B 449 -8.58 -25.80 28.52
N ASP B 450 -8.40 -26.72 29.52
CA ASP B 450 -9.55 -27.39 30.05
C ASP B 450 -10.51 -26.45 30.75
N ASP B 451 -11.78 -26.81 30.70
CA ASP B 451 -12.90 -26.01 31.27
C ASP B 451 -12.56 -25.83 32.76
N VAL B 452 -12.62 -24.60 33.21
CA VAL B 452 -12.25 -24.30 34.63
C VAL B 452 -13.07 -23.13 35.09
N GLU B 453 -13.68 -23.26 36.28
CA GLU B 453 -14.39 -22.14 36.79
C GLU B 453 -13.48 -21.16 37.56
N VAL B 454 -13.54 -19.90 37.20
CA VAL B 454 -12.60 -18.89 37.75
C VAL B 454 -13.36 -17.63 38.16
N SER B 455 -12.78 -16.84 39.04
CA SER B 455 -13.33 -15.56 39.36
C SER B 455 -12.63 -14.50 38.55
N SER B 456 -11.36 -14.79 38.19
CA SER B 456 -10.56 -13.80 37.44
C SER B 456 -9.37 -14.56 36.75
N VAL B 457 -8.85 -13.94 35.71
CA VAL B 457 -7.59 -14.44 35.09
C VAL B 457 -6.61 -13.36 35.06
N THR B 458 -5.30 -13.70 34.98
CA THR B 458 -4.29 -12.68 34.88
C THR B 458 -3.41 -13.12 33.70
N LEU B 459 -3.26 -12.23 32.73
CA LEU B 459 -2.33 -12.50 31.62
C LEU B 459 -1.01 -11.83 31.90
N HIS B 460 0.08 -12.61 32.12
CA HIS B 460 1.35 -12.07 32.55
C HIS B 460 2.17 -12.01 31.24
N VAL B 461 2.39 -10.82 30.68
CA VAL B 461 3.05 -10.72 29.36
C VAL B 461 4.50 -10.55 29.69
N ASP B 462 5.12 -11.75 30.00
CA ASP B 462 6.48 -11.71 30.55
C ASP B 462 7.66 -11.87 29.58
N GLY B 463 7.40 -11.85 28.26
CA GLY B 463 8.47 -11.62 27.27
C GLY B 463 7.93 -10.76 26.11
N SER B 464 8.69 -9.70 25.79
CA SER B 464 8.26 -8.82 24.66
C SER B 464 9.44 -8.15 24.10
N ARG B 465 9.38 -7.85 22.81
CA ARG B 465 10.37 -6.96 22.19
C ARG B 465 9.93 -5.55 22.31
N LEU B 466 10.49 -4.87 23.33
CA LEU B 466 9.94 -3.52 23.70
C LEU B 466 8.53 -3.64 24.27
N ALA B 467 7.87 -2.52 24.59
CA ALA B 467 6.63 -2.60 25.30
C ALA B 467 5.49 -3.04 24.33
N PRO B 468 4.72 -4.04 24.69
CA PRO B 468 3.69 -4.56 23.78
C PRO B 468 2.47 -3.67 23.69
N MET B 469 1.76 -3.71 22.58
CA MET B 469 0.56 -2.88 22.38
C MET B 469 -0.63 -3.86 22.14
N ILE B 470 -1.57 -3.95 23.10
CA ILE B 470 -2.54 -5.03 23.13
C ILE B 470 -3.89 -4.39 22.92
N SER B 471 -4.61 -4.78 21.83
CA SER B 471 -5.90 -4.16 21.56
C SER B 471 -7.07 -4.88 22.06
N ARG B 472 -6.89 -6.13 22.52
CA ARG B 472 -8.02 -6.89 23.11
C ARG B 472 -7.48 -7.95 24.07
N ALA B 473 -8.19 -8.10 25.20
CA ALA B 473 -7.90 -9.29 26.07
C ALA B 473 -9.22 -9.74 26.55
N ALA B 474 -9.45 -11.06 26.56
CA ALA B 474 -10.74 -11.61 26.98
C ALA B 474 -10.59 -13.02 27.47
N ALA B 475 -11.49 -13.41 28.42
CA ALA B 475 -11.61 -14.79 28.87
C ALA B 475 -12.98 -15.29 28.46
N VAL B 476 -13.07 -16.45 27.83
CA VAL B 476 -14.31 -16.90 27.24
C VAL B 476 -14.47 -18.42 27.35
N ARG B 477 -15.69 -18.90 27.14
CA ARG B 477 -15.95 -20.34 27.08
C ARG B 477 -16.28 -20.71 25.60
N ILE B 478 -15.38 -21.44 24.96
CA ILE B 478 -15.70 -21.94 23.61
C ILE B 478 -16.63 -23.13 23.74
C1 DFU C . 19.32 19.09 -4.99
C2 DFU C . 20.24 19.56 -3.87
C3 DFU C . 19.86 20.96 -3.40
C4 DFU C . 18.48 20.89 -2.75
C5 DFU C . 17.44 20.37 -3.84
C6 DFU C . 16.02 20.16 -3.22
O4 DFU C . 18.48 20.05 -1.63
O3 DFU C . 20.75 21.47 -2.37
O2 DFU C . 21.57 19.58 -4.37
N5 DFU C . 17.89 19.11 -4.44
C1 EDO D . 16.61 16.10 -7.11
O1 EDO D . 17.72 16.86 -6.57
C2 EDO D . 17.06 15.13 -8.17
O2 EDO D . 18.00 14.17 -7.60
NA NA E . -17.64 12.92 -9.12
C1 DFU F . 0.19 -27.21 -4.35
C2 DFU F . -0.45 -27.72 -5.60
C3 DFU F . -1.79 -28.47 -5.26
C4 DFU F . -2.83 -27.42 -4.77
C5 DFU F . -2.13 -26.73 -3.53
C6 DFU F . -2.99 -25.47 -3.08
O4 DFU F . -3.00 -26.46 -5.81
O3 DFU F . -2.26 -29.09 -6.45
O2 DFU F . 0.49 -28.69 -6.19
N5 DFU F . -0.78 -26.14 -3.81
C1 EDO G . 3.70 -23.63 -1.87
O1 EDO G . 4.30 -23.36 -3.17
C2 EDO G . 2.17 -23.85 -2.06
O2 EDO G . 1.96 -25.01 -2.88
NA NA H . -9.12 -1.84 21.90
#